data_7G7M
#
_entry.id   7G7M
#
_cell.length_a   84.073
_cell.length_b   91.820
_cell.length_c   120.696
_cell.angle_alpha   90.000
_cell.angle_beta   90.000
_cell.angle_gamma   90.000
#
_symmetry.space_group_name_H-M   'P 21 21 21'
#
loop_
_entity.id
_entity.type
_entity.pdbx_description
1 polymer 'Isoform 2 of Ectonucleotide pyrophosphatase/phosphodiesterase family member 2'
2 branched alpha-D-mannopyranose-(1-2)-alpha-D-mannopyranose-(1-3)-alpha-D-mannopyranose-(1-6)-[alpha-D-mannopyranose-(1-2)-alpha-D-mannopyranose-(1-3)]beta-D-mannopyranose-(1-4)-2-acetamido-2-deoxy-beta-D-glucopyranose-(1-4)-2-acetamido-2-deoxy-beta-D-glucopyranose
3 non-polymer N-[(3,4-dichlorophenyl)methyl]-N-methyl-2-{4-oxo-6-[4-(1,3-thiazol-2-yl)piperazin-1-yl]quinazolin-3(4H)-yl}acetamide
4 non-polymer 'CHLORIDE ION'
5 non-polymer 'ACETATE ION'
6 non-polymer 'ZINC ION'
7 non-polymer 'SODIUM ION'
8 non-polymer 'CALCIUM ION'
9 water water
#
_entity_poly.entity_id   1
_entity_poly.type   'polypeptide(L)'
_entity_poly.pdbx_seq_one_letter_code
;FTASRIKRAEWDEGPPTVLSDSPWTATSGSCKGRCFELQEVGPPDCRCDNLCKSYSSCCHDFDELCLKTARGWECTKDRC
GEVRNEENACHCSEDCLSRGDCCTNYQVVCKGESHWVDDDCEEIKVPECPAGFVRPPLIIFSVDGFRASYMKKGSKVMPN
IEKLRSCGTHAPYMRPVYPTKTFPNLYTLATGLYPESHGIVGNSMYDPVFDASFHLRGREKFNHRWWGGQPLWITATKQG
VRAGTFFWSVSIPHERRILTILQWLSLPDNERPSVYAFYSEQPDFSGHKYGPFGPEMTNPLREIDKTVGQLMDGLKQLRL
HRCVNVIFVGDHGMEDVTCDRTEFLSNYLTNVDDITLVPGTLGRIRAKSINNSKYDPKTIIAALTCKKPDQHFKPYMKQH
LPKRLHYANNRRIEDIHLLVDRRWHVARKPLDVYKKPSGKCFFQGDHGFDNKVNSMQTVFVGYGPTFKYRTKVPPFENIE
LYNVMCDLLGLKPAPNNGTHGSLNHLLRTNTFRPTMPDEVSRPNYPGIMYLQSEFDLGCTCDDKVEPKNKLEELNKRLHT
KGSTKERHLLYGRPAVLYRTSYDILYHTDFESGYSEIFLMPLWTSYTISKQAEVSSIPEHLTNCVRPDVRVSPGFSQNCL
AYKNDKQMSYGFLFPPYLSSSPEAKYDAFLVTNMVPMYPAFKRVWAYFQRVLVKKYASERNGVNVISGPIFDYNYDGLRD
TEDEIKQYVEGSSIPVPTHYYSIITSCLDFTQPADKCDGPLSVSSFILPHRPDNDESCNSSEDESKWVEELMKMHTARVR
DIEHLTGLDFYRKTSRSYSEILTLKTYLHTYESEIGGRHHHHHHHH
;
_entity_poly.pdbx_strand_id   A
#
loop_
_chem_comp.id
_chem_comp.type
_chem_comp.name
_chem_comp.formula
ACT non-polymer 'ACETATE ION' 'C2 H3 O2 -1'
BMA D-saccharide, beta linking beta-D-mannopyranose 'C6 H12 O6'
CA non-polymer 'CALCIUM ION' 'Ca 2'
CL non-polymer 'CHLORIDE ION' 'Cl -1'
MAN D-saccharide, alpha linking alpha-D-mannopyranose 'C6 H12 O6'
NA non-polymer 'SODIUM ION' 'Na 1'
NAG D-saccharide, beta linking 2-acetamido-2-deoxy-beta-D-glucopyranose 'C8 H15 N O6'
XW6 non-polymer N-[(3,4-dichlorophenyl)methyl]-N-methyl-2-{4-oxo-6-[4-(1,3-thiazol-2-yl)piperazin-1-yl]quinazolin-3(4H)-yl}acetamide 'C25 H24 Cl2 N6 O2 S'
ZN non-polymer 'ZINC ION' 'Zn 2'
#
# COMPACT_ATOMS: atom_id res chain seq x y z
N TRP A 24 37.02 -18.14 -2.19
CA TRP A 24 37.67 -18.74 -3.39
C TRP A 24 36.65 -19.34 -4.37
N THR A 25 36.74 -18.91 -5.62
CA THR A 25 36.12 -19.61 -6.75
C THR A 25 37.24 -20.00 -7.72
N ALA A 26 37.43 -21.31 -7.91
CA ALA A 26 38.32 -21.84 -8.94
C ALA A 26 37.64 -21.61 -10.30
N THR A 27 37.84 -20.39 -10.80
CA THR A 27 37.15 -19.89 -12.01
C THR A 27 37.71 -20.47 -13.33
N SER A 28 38.45 -21.59 -13.20
CA SER A 28 39.13 -22.28 -14.31
C SER A 28 38.37 -23.51 -14.87
N GLY A 29 37.06 -23.59 -14.60
CA GLY A 29 36.13 -24.42 -15.39
C GLY A 29 35.58 -23.60 -16.55
N SER A 30 34.62 -24.15 -17.28
CA SER A 30 34.09 -23.50 -18.50
C SER A 30 32.55 -23.35 -18.57
N CYS A 31 32.11 -22.39 -19.36
CA CYS A 31 30.69 -22.10 -19.60
C CYS A 31 30.21 -22.66 -20.93
N LYS A 32 31.08 -23.41 -21.59
CA LYS A 32 30.74 -24.14 -22.82
C LYS A 32 29.51 -25.04 -22.54
N GLY A 33 28.44 -24.76 -23.30
CA GLY A 33 27.13 -25.43 -23.17
C GLY A 33 26.29 -25.04 -21.96
N ARG A 34 26.70 -23.96 -21.27
CA ARG A 34 26.14 -23.59 -19.97
C ARG A 34 25.72 -22.12 -19.86
N CYS A 35 25.79 -21.38 -20.96
CA CYS A 35 25.47 -19.93 -20.93
C CYS A 35 24.07 -19.65 -20.37
N PHE A 36 24.05 -18.85 -19.29
CA PHE A 36 22.83 -18.42 -18.62
C PHE A 36 22.00 -19.60 -18.11
N GLU A 37 22.72 -20.59 -17.58
CA GLU A 37 22.13 -21.75 -16.91
C GLU A 37 21.16 -21.30 -15.83
N LEU A 38 20.11 -22.08 -15.64
CA LEU A 38 19.05 -21.70 -14.73
C LEU A 38 19.35 -22.13 -13.29
N GLN A 39 19.85 -23.35 -13.12
CA GLN A 39 20.34 -23.82 -11.81
C GLN A 39 21.74 -23.26 -11.55
N GLU A 40 21.87 -22.57 -10.42
CA GLU A 40 23.13 -22.01 -9.97
C GLU A 40 23.98 -23.09 -9.31
N VAL A 41 25.28 -23.13 -9.63
CA VAL A 41 26.19 -24.19 -9.14
C VAL A 41 27.03 -23.80 -7.92
N GLY A 42 27.27 -24.79 -7.05
CA GLY A 42 28.01 -24.61 -5.80
C GLY A 42 29.52 -24.48 -5.97
N PRO A 43 30.18 -23.62 -5.14
CA PRO A 43 31.65 -23.43 -5.09
C PRO A 43 32.48 -24.71 -4.83
N PRO A 44 33.80 -24.72 -5.13
CA PRO A 44 34.50 -23.59 -5.79
C PRO A 44 34.44 -23.66 -7.33
N ASP A 45 33.54 -24.53 -7.84
CA ASP A 45 33.26 -24.71 -9.26
C ASP A 45 32.53 -23.46 -9.78
N CYS A 46 33.06 -22.90 -10.87
CA CYS A 46 32.62 -21.59 -11.37
C CYS A 46 31.22 -21.59 -11.99
N ARG A 47 30.63 -20.40 -12.03
CA ARG A 47 29.24 -20.18 -12.37
C ARG A 47 29.07 -19.54 -13.76
N CYS A 48 27.92 -19.82 -14.39
CA CYS A 48 27.52 -19.20 -15.69
C CYS A 48 26.08 -18.67 -15.70
N ASP A 49 25.47 -18.57 -14.51
CA ASP A 49 24.11 -18.02 -14.37
C ASP A 49 24.09 -16.50 -14.50
N ASN A 50 22.91 -15.94 -14.68
CA ASN A 50 22.77 -14.50 -14.96
C ASN A 50 23.20 -13.60 -13.81
N LEU A 51 23.61 -14.21 -12.70
CA LEU A 51 24.08 -13.51 -11.53
C LEU A 51 25.57 -13.62 -11.25
N CYS A 52 26.29 -14.51 -11.95
CA CYS A 52 27.71 -14.76 -11.64
C CYS A 52 28.59 -13.50 -11.63
N LYS A 53 28.32 -12.55 -12.53
CA LYS A 53 29.03 -11.26 -12.59
C LYS A 53 28.95 -10.43 -11.31
N SER A 54 27.87 -10.59 -10.54
CA SER A 54 27.69 -9.87 -9.29
C SER A 54 28.62 -10.36 -8.20
N TYR A 55 28.89 -11.67 -8.21
CA TYR A 55 29.73 -12.34 -7.21
C TYR A 55 31.21 -12.47 -7.61
N SER A 56 31.58 -11.90 -8.77
CA SER A 56 32.91 -12.06 -9.38
C SER A 56 33.37 -13.52 -9.41
N SER A 57 32.53 -14.37 -10.01
CA SER A 57 32.62 -15.82 -9.87
C SER A 57 32.30 -16.57 -11.16
N CYS A 58 32.10 -15.81 -12.24
CA CYS A 58 31.97 -16.40 -13.58
C CYS A 58 33.22 -17.16 -13.98
N CYS A 59 33.06 -18.25 -14.74
CA CYS A 59 34.18 -18.94 -15.37
C CYS A 59 34.93 -17.98 -16.30
N HIS A 60 36.21 -18.30 -16.53
CA HIS A 60 37.15 -17.47 -17.28
C HIS A 60 36.63 -17.07 -18.66
N ASP A 61 35.81 -17.93 -19.26
CA ASP A 61 35.30 -17.78 -20.63
C ASP A 61 33.90 -17.18 -20.78
N PHE A 62 33.27 -16.82 -19.66
CA PHE A 62 31.92 -16.25 -19.67
C PHE A 62 31.71 -15.13 -20.67
N ASP A 63 32.63 -14.17 -20.72
CA ASP A 63 32.51 -13.02 -21.65
C ASP A 63 32.60 -13.49 -23.09
N GLU A 64 33.60 -14.33 -23.36
CA GLU A 64 33.81 -14.88 -24.69
C GLU A 64 32.56 -15.65 -25.13
N LEU A 65 32.11 -16.58 -24.30
CA LEU A 65 31.02 -17.48 -24.67
C LEU A 65 29.63 -16.91 -24.49
N CYS A 66 29.38 -16.31 -23.33
CA CYS A 66 28.04 -15.92 -22.92
C CYS A 66 27.69 -14.47 -23.18
N LEU A 67 28.67 -13.63 -23.51
CA LEU A 67 28.43 -12.20 -23.76
C LEU A 67 28.98 -11.71 -25.08
N LYS A 68 28.69 -12.47 -26.14
CA LYS A 68 29.05 -12.11 -27.51
C LYS A 68 28.38 -10.82 -27.92
N THR A 69 29.09 -9.99 -28.69
CA THR A 69 28.60 -8.66 -29.12
C THR A 69 28.79 -8.41 -30.62
N ALA A 70 29.64 -9.24 -31.23
CA ALA A 70 30.01 -9.15 -32.65
C ALA A 70 28.82 -8.94 -33.57
N ARG A 71 28.94 -7.93 -34.42
CA ARG A 71 27.96 -7.53 -35.43
C ARG A 71 26.68 -6.93 -34.86
N GLY A 72 26.60 -6.73 -33.54
CA GLY A 72 25.50 -5.98 -32.93
C GLY A 72 24.20 -6.76 -32.74
N TRP A 73 23.07 -6.04 -32.72
CA TRP A 73 21.81 -6.58 -32.22
C TRP A 73 20.70 -6.71 -33.28
N GLU A 74 20.94 -6.22 -34.49
CA GLU A 74 19.92 -6.26 -35.55
C GLU A 74 20.41 -6.98 -36.79
N CYS A 75 19.51 -7.68 -37.47
CA CYS A 75 19.79 -8.16 -38.81
C CYS A 75 19.71 -7.01 -39.81
N THR A 76 20.54 -7.09 -40.85
CA THR A 76 20.47 -6.20 -42.01
C THR A 76 20.39 -7.09 -43.26
N LYS A 77 20.02 -6.49 -44.41
CA LYS A 77 19.89 -7.23 -45.68
C LYS A 77 21.09 -8.14 -45.98
N ASP A 78 22.30 -7.55 -45.97
CA ASP A 78 23.57 -8.26 -46.26
C ASP A 78 23.87 -9.46 -45.34
N ARG A 79 23.14 -9.55 -44.23
CA ARG A 79 23.30 -10.62 -43.25
C ARG A 79 22.31 -11.75 -43.43
N CYS A 80 21.26 -11.52 -44.23
CA CYS A 80 20.21 -12.52 -44.39
C CYS A 80 20.68 -13.82 -45.01
N GLY A 81 20.20 -14.93 -44.45
CA GLY A 81 20.56 -16.28 -44.88
C GLY A 81 22.04 -16.63 -44.82
N GLU A 82 22.83 -15.81 -44.10
CA GLU A 82 24.29 -16.01 -43.90
C GLU A 82 24.65 -17.42 -43.44
N VAL A 83 25.94 -17.74 -43.50
CA VAL A 83 26.49 -18.96 -42.94
C VAL A 83 26.65 -18.68 -41.44
N ARG A 84 26.03 -19.53 -40.60
CA ARG A 84 26.10 -19.37 -39.14
C ARG A 84 27.53 -19.05 -38.65
N ASN A 85 27.67 -17.92 -38.00
CA ASN A 85 28.92 -17.56 -37.33
C ASN A 85 28.69 -17.49 -35.82
N GLU A 86 29.23 -18.46 -35.09
CA GLU A 86 29.00 -18.58 -33.63
C GLU A 86 29.50 -17.41 -32.79
N GLU A 87 30.37 -16.59 -33.38
CA GLU A 87 30.91 -15.38 -32.75
C GLU A 87 29.89 -14.24 -32.62
N ASN A 88 28.89 -14.24 -33.49
CA ASN A 88 27.92 -13.14 -33.54
C ASN A 88 27.00 -13.10 -32.32
N ALA A 89 26.59 -11.88 -31.96
CA ALA A 89 25.72 -11.65 -30.82
C ALA A 89 24.35 -12.30 -31.00
N CYS A 90 23.85 -12.26 -32.23
CA CYS A 90 22.64 -12.97 -32.62
C CYS A 90 22.72 -13.23 -34.12
N HIS A 91 21.83 -14.09 -34.63
CA HIS A 91 22.05 -14.69 -35.94
C HIS A 91 20.97 -14.34 -36.94
N CYS A 92 21.36 -14.30 -38.21
CA CYS A 92 20.46 -14.00 -39.32
C CYS A 92 20.46 -15.13 -40.34
N SER A 93 21.09 -16.24 -39.94
CA SER A 93 21.19 -17.47 -40.75
C SER A 93 19.87 -18.25 -40.73
N GLU A 94 19.72 -19.17 -41.69
CA GLU A 94 18.49 -19.92 -41.89
C GLU A 94 18.08 -20.79 -40.68
N ASP A 95 19.08 -21.30 -39.97
CA ASP A 95 18.90 -22.22 -38.85
C ASP A 95 18.53 -21.57 -37.51
N CYS A 96 18.51 -20.24 -37.45
CA CYS A 96 18.41 -19.52 -36.18
C CYS A 96 17.07 -19.68 -35.44
N LEU A 97 15.97 -19.77 -36.18
CA LEU A 97 14.65 -20.04 -35.61
C LEU A 97 14.62 -21.31 -34.74
N SER A 98 15.20 -22.39 -35.28
CA SER A 98 15.24 -23.71 -34.62
C SER A 98 16.30 -23.80 -33.51
N ARG A 99 17.37 -23.02 -33.67
CA ARG A 99 18.39 -22.84 -32.63
C ARG A 99 17.90 -21.89 -31.54
N GLY A 100 16.86 -21.12 -31.87
CA GLY A 100 16.21 -20.18 -30.94
C GLY A 100 17.01 -18.93 -30.62
N ASP A 101 17.83 -18.46 -31.57
CA ASP A 101 18.79 -17.41 -31.28
C ASP A 101 18.95 -16.34 -32.36
N CYS A 102 17.93 -16.17 -33.19
CA CYS A 102 17.89 -15.05 -34.14
C CYS A 102 17.95 -13.73 -33.39
N CYS A 103 18.47 -12.70 -34.06
CA CYS A 103 18.24 -11.32 -33.67
C CYS A 103 16.73 -11.10 -33.73
N THR A 104 16.24 -10.24 -32.86
CA THR A 104 14.80 -10.03 -32.71
C THR A 104 14.08 -9.59 -33.98
N ASN A 105 14.79 -8.89 -34.86
CA ASN A 105 14.20 -8.38 -36.09
C ASN A 105 14.40 -9.27 -37.32
N TYR A 106 14.83 -10.53 -37.10
CA TYR A 106 15.18 -11.45 -38.19
C TYR A 106 14.05 -11.62 -39.19
N GLN A 107 12.87 -11.96 -38.68
CA GLN A 107 11.69 -12.14 -39.53
CA GLN A 107 11.71 -12.16 -39.56
C GLN A 107 11.30 -10.86 -40.27
N VAL A 108 11.57 -9.72 -39.66
CA VAL A 108 11.26 -8.42 -40.28
C VAL A 108 12.17 -8.18 -41.52
N VAL A 109 13.48 -8.35 -41.33
CA VAL A 109 14.47 -8.03 -42.36
C VAL A 109 14.54 -9.13 -43.45
N CYS A 110 14.65 -10.39 -43.02
CA CYS A 110 14.91 -11.50 -43.91
C CYS A 110 13.69 -12.34 -44.34
N LYS A 111 12.50 -12.01 -43.84
CA LYS A 111 11.29 -12.76 -44.21
C LYS A 111 10.10 -11.86 -44.59
N GLY A 112 10.36 -10.55 -44.68
CA GLY A 112 9.34 -9.56 -45.05
C GLY A 112 8.19 -9.35 -44.06
N GLU A 113 8.26 -10.03 -42.91
CA GLU A 113 7.29 -9.85 -41.82
C GLU A 113 7.31 -8.44 -41.24
N SER A 114 6.26 -8.10 -40.50
CA SER A 114 6.12 -6.76 -39.93
C SER A 114 6.44 -6.77 -38.44
N HIS A 115 6.88 -5.63 -37.91
CA HIS A 115 7.07 -5.45 -36.47
C HIS A 115 5.74 -5.63 -35.74
N TRP A 116 5.81 -6.14 -34.51
CA TRP A 116 4.64 -6.28 -33.64
C TRP A 116 3.91 -4.97 -33.49
N VAL A 117 4.63 -3.86 -33.29
CA VAL A 117 4.02 -2.55 -33.08
C VAL A 117 3.17 -2.06 -34.26
N ASP A 118 3.45 -2.53 -35.48
CA ASP A 118 2.73 -2.11 -36.69
C ASP A 118 1.49 -2.97 -37.03
N ASP A 119 1.28 -4.04 -36.26
CA ASP A 119 0.11 -4.88 -36.46
C ASP A 119 -1.04 -4.31 -35.68
N ASP A 120 -2.23 -4.38 -36.27
CA ASP A 120 -3.47 -4.02 -35.58
C ASP A 120 -3.63 -4.89 -34.37
N CYS A 121 -4.18 -4.33 -33.31
CA CYS A 121 -4.32 -5.17 -32.17
C CYS A 121 -5.64 -5.92 -32.15
N GLU A 122 -5.49 -7.24 -32.11
CA GLU A 122 -6.62 -8.13 -32.13
CA GLU A 122 -6.61 -8.19 -32.15
C GLU A 122 -6.79 -8.74 -30.75
N GLU A 123 -8.04 -8.81 -30.28
CA GLU A 123 -8.39 -9.44 -29.00
C GLU A 123 -7.79 -10.84 -28.88
N ILE A 124 -7.19 -11.14 -27.74
CA ILE A 124 -6.67 -12.48 -27.49
C ILE A 124 -7.67 -13.19 -26.60
N LYS A 125 -8.67 -13.81 -27.23
CA LYS A 125 -9.74 -14.49 -26.50
C LYS A 125 -9.26 -15.74 -25.76
N VAL A 126 -8.35 -16.50 -26.37
CA VAL A 126 -7.81 -17.73 -25.77
C VAL A 126 -6.29 -17.73 -25.97
N PRO A 127 -5.52 -18.44 -25.09
CA PRO A 127 -4.06 -18.55 -25.33
C PRO A 127 -3.73 -19.35 -26.58
N GLU A 128 -3.03 -18.72 -27.52
CA GLU A 128 -2.59 -19.36 -28.76
C GLU A 128 -1.12 -19.73 -28.65
N CYS A 129 -0.86 -20.88 -28.05
CA CYS A 129 0.47 -21.36 -27.73
C CYS A 129 0.91 -22.51 -28.64
N PRO A 130 2.24 -22.65 -28.91
CA PRO A 130 2.74 -23.85 -29.59
C PRO A 130 2.52 -25.09 -28.75
N ALA A 131 2.51 -26.25 -29.39
CA ALA A 131 2.36 -27.54 -28.71
C ALA A 131 3.46 -27.70 -27.66
N GLY A 132 3.08 -28.22 -26.50
CA GLY A 132 4.03 -28.41 -25.39
C GLY A 132 3.92 -27.40 -24.27
N PHE A 133 3.39 -26.22 -24.58
CA PHE A 133 3.17 -25.22 -23.56
C PHE A 133 1.97 -25.61 -22.69
N VAL A 134 2.24 -25.96 -21.42
CA VAL A 134 1.18 -26.40 -20.47
C VAL A 134 0.28 -25.23 -19.99
N ARG A 135 0.78 -23.99 -20.10
CA ARG A 135 0.14 -22.79 -19.57
C ARG A 135 0.77 -21.56 -20.23
N PRO A 136 0.03 -20.41 -20.29
CA PRO A 136 0.62 -19.16 -20.76
C PRO A 136 1.82 -18.72 -19.90
N PRO A 137 3.03 -18.66 -20.48
CA PRO A 137 4.14 -18.07 -19.73
C PRO A 137 3.83 -16.61 -19.29
N LEU A 138 4.46 -16.21 -18.18
CA LEU A 138 4.36 -14.85 -17.67
C LEU A 138 5.70 -14.15 -17.77
N ILE A 139 5.69 -12.95 -18.34
CA ILE A 139 6.91 -12.12 -18.47
C ILE A 139 6.73 -10.79 -17.71
N ILE A 140 7.53 -10.60 -16.67
CA ILE A 140 7.51 -9.33 -15.92
C ILE A 140 8.58 -8.39 -16.50
N PHE A 141 8.13 -7.27 -17.01
CA PHE A 141 9.02 -6.27 -17.59
C PHE A 141 9.01 -5.11 -16.61
N SER A 142 10.01 -5.03 -15.73
CA SER A 142 10.00 -3.97 -14.74
C SER A 142 10.95 -2.79 -15.07
N VAL A 143 10.48 -1.57 -14.82
CA VAL A 143 11.24 -0.36 -15.16
C VAL A 143 11.40 0.57 -13.96
N ASP A 144 12.66 0.83 -13.59
CA ASP A 144 13.01 1.68 -12.45
C ASP A 144 12.73 3.15 -12.72
N GLY A 145 12.02 3.78 -11.78
CA GLY A 145 11.78 5.23 -11.79
C GLY A 145 10.82 5.72 -12.85
N PHE A 146 10.06 4.80 -13.42
CA PHE A 146 9.09 5.07 -14.46
C PHE A 146 7.82 5.68 -13.87
N ARG A 147 7.85 7.00 -13.77
CA ARG A 147 6.75 7.80 -13.29
C ARG A 147 5.47 7.63 -14.14
N ALA A 148 4.34 7.58 -13.45
CA ALA A 148 3.03 7.36 -14.06
C ALA A 148 2.72 8.28 -15.22
N SER A 149 3.00 9.56 -15.07
CA SER A 149 2.68 10.54 -16.12
C SER A 149 3.48 10.37 -17.41
N TYR A 150 4.56 9.57 -17.36
CA TYR A 150 5.32 9.26 -18.58
C TYR A 150 4.43 8.62 -19.63
N MET A 151 3.40 7.87 -19.20
CA MET A 151 2.46 7.23 -20.14
C MET A 151 1.80 8.20 -21.10
N LYS A 152 1.36 9.35 -20.60
CA LYS A 152 0.79 10.40 -21.46
C LYS A 152 1.89 11.30 -22.02
N LYS A 153 2.83 11.71 -21.17
CA LYS A 153 3.76 12.78 -21.51
C LYS A 153 4.85 12.32 -22.48
N GLY A 154 5.24 11.06 -22.38
CA GLY A 154 6.20 10.48 -23.32
C GLY A 154 5.57 9.68 -24.44
N SER A 155 4.25 9.79 -24.62
CA SER A 155 3.49 8.87 -25.50
C SER A 155 3.88 8.84 -26.97
N LYS A 156 4.31 9.99 -27.50
CA LYS A 156 4.74 10.12 -28.89
C LYS A 156 6.02 9.34 -29.20
N VAL A 157 6.84 9.11 -28.19
CA VAL A 157 8.12 8.44 -28.39
C VAL A 157 8.15 6.98 -27.88
N MET A 158 7.00 6.48 -27.40
CA MET A 158 6.93 5.10 -26.87
C MET A 158 5.85 4.24 -27.56
N PRO A 159 5.96 4.01 -28.89
CA PRO A 159 4.84 3.31 -29.52
C PRO A 159 4.56 1.86 -29.06
N ASN A 160 5.58 1.08 -28.66
CA ASN A 160 5.36 -0.33 -28.26
C ASN A 160 4.62 -0.36 -26.95
N ILE A 161 5.09 0.49 -26.02
CA ILE A 161 4.51 0.63 -24.71
C ILE A 161 3.07 1.12 -24.83
N GLU A 162 2.82 2.10 -25.70
CA GLU A 162 1.46 2.66 -25.92
C GLU A 162 0.51 1.65 -26.52
N LYS A 163 1.04 0.76 -27.36
CA LYS A 163 0.26 -0.36 -27.87
C LYS A 163 -0.11 -1.37 -26.78
N LEU A 164 0.85 -1.74 -25.92
CA LEU A 164 0.55 -2.54 -24.73
C LEU A 164 -0.56 -1.94 -23.87
N ARG A 165 -0.42 -0.64 -23.58
CA ARG A 165 -1.33 0.12 -22.72
C ARG A 165 -2.73 0.10 -23.31
N SER A 166 -2.90 0.58 -24.54
CA SER A 166 -4.24 0.75 -25.07
C SER A 166 -4.89 -0.58 -25.42
N CYS A 167 -4.08 -1.58 -25.78
CA CYS A 167 -4.64 -2.85 -26.18
CA CYS A 167 -4.60 -2.88 -26.18
C CYS A 167 -4.91 -3.82 -25.02
N GLY A 168 -4.07 -3.79 -23.98
CA GLY A 168 -4.26 -4.65 -22.82
C GLY A 168 -5.15 -4.01 -21.77
N THR A 169 -4.80 -4.29 -20.52
CA THR A 169 -5.42 -3.75 -19.32
C THR A 169 -4.40 -2.80 -18.67
N HIS A 170 -4.85 -1.61 -18.27
CA HIS A 170 -3.96 -0.61 -17.64
C HIS A 170 -4.67 0.19 -16.54
N ALA A 171 -3.90 0.64 -15.56
CA ALA A 171 -4.38 1.58 -14.58
C ALA A 171 -3.81 2.95 -14.97
N PRO A 172 -4.44 4.06 -14.54
CA PRO A 172 -3.80 5.40 -14.77
C PRO A 172 -2.49 5.53 -14.00
N TYR A 173 -2.38 4.78 -12.91
CA TYR A 173 -1.14 4.69 -12.15
C TYR A 173 -1.24 3.56 -11.19
N MET A 174 -0.09 3.17 -10.66
CA MET A 174 -0.01 2.21 -9.59
C MET A 174 0.70 2.83 -8.41
N ARG A 175 0.19 2.56 -7.22
CA ARG A 175 0.78 3.13 -6.01
C ARG A 175 1.89 2.24 -5.44
N PRO A 176 3.12 2.80 -5.32
CA PRO A 176 4.25 2.05 -4.74
C PRO A 176 4.06 1.91 -3.23
N VAL A 177 4.95 1.22 -2.54
CA VAL A 177 4.95 1.24 -1.08
C VAL A 177 5.95 2.28 -0.58
N TYR A 178 5.73 2.78 0.64
CA TYR A 178 6.71 3.61 1.33
C TYR A 178 7.83 2.73 1.95
N PRO A 179 9.11 3.11 1.89
CA PRO A 179 9.60 4.28 1.15
C PRO A 179 9.66 3.97 -0.31
N THR A 180 9.48 4.99 -1.15
CA THR A 180 9.34 4.79 -2.59
C THR A 180 10.73 4.73 -3.25
N LYS A 181 11.48 3.75 -2.76
CA LYS A 181 12.81 3.40 -3.17
C LYS A 181 12.73 2.10 -3.94
N THR A 182 13.78 1.84 -4.71
CA THR A 182 13.88 0.70 -5.61
C THR A 182 13.81 -0.65 -4.94
N PHE A 183 14.72 -0.94 -4.01
CA PHE A 183 14.76 -2.27 -3.43
C PHE A 183 13.46 -2.63 -2.67
N PRO A 184 12.98 -1.74 -1.75
CA PRO A 184 11.73 -2.07 -1.04
C PRO A 184 10.57 -2.35 -1.98
N ASN A 185 10.50 -1.59 -3.08
CA ASN A 185 9.43 -1.74 -4.05
C ASN A 185 9.50 -2.92 -4.98
N LEU A 186 10.69 -3.23 -5.47
CA LEU A 186 10.83 -4.40 -6.31
C LEU A 186 10.59 -5.66 -5.50
N TYR A 187 11.14 -5.72 -4.29
CA TYR A 187 10.88 -6.90 -3.47
C TYR A 187 9.40 -7.00 -3.02
N THR A 188 8.74 -5.85 -2.81
CA THR A 188 7.28 -5.79 -2.58
C THR A 188 6.51 -6.39 -3.76
N LEU A 189 6.92 -6.05 -4.99
CA LEU A 189 6.30 -6.63 -6.21
C LEU A 189 6.39 -8.16 -6.20
N ALA A 190 7.58 -8.67 -5.86
CA ALA A 190 7.86 -10.10 -5.78
C ALA A 190 7.17 -10.91 -4.67
N THR A 191 6.69 -10.25 -3.60
CA THR A 191 6.27 -10.96 -2.37
C THR A 191 4.85 -10.62 -1.89
N GLY A 192 4.35 -9.45 -2.29
CA GLY A 192 3.03 -8.98 -1.85
C GLY A 192 3.09 -8.47 -0.43
N LEU A 193 4.30 -8.19 0.07
CA LEU A 193 4.51 -7.82 1.46
C LEU A 193 4.95 -6.39 1.55
N TYR A 194 4.46 -5.70 2.57
CA TYR A 194 5.00 -4.43 3.03
C TYR A 194 6.49 -4.60 3.40
N PRO A 195 7.34 -3.59 3.09
CA PRO A 195 8.76 -3.58 3.48
C PRO A 195 8.95 -3.94 4.96
N GLU A 196 8.00 -3.55 5.81
CA GLU A 196 8.11 -3.88 7.23
C GLU A 196 8.10 -5.40 7.49
N SER A 197 7.45 -6.16 6.59
CA SER A 197 7.34 -7.60 6.70
C SER A 197 8.39 -8.32 5.89
N HIS A 198 8.69 -7.82 4.68
CA HIS A 198 9.73 -8.47 3.89
C HIS A 198 11.16 -8.16 4.35
N GLY A 199 11.32 -7.08 5.11
CA GLY A 199 12.63 -6.69 5.65
C GLY A 199 13.46 -5.68 4.89
N ILE A 200 13.16 -5.45 3.61
CA ILE A 200 13.93 -4.49 2.82
C ILE A 200 13.25 -3.15 3.01
N VAL A 201 13.62 -2.47 4.09
CA VAL A 201 12.89 -1.31 4.57
C VAL A 201 13.46 -0.02 3.97
N GLY A 202 14.54 -0.17 3.21
CA GLY A 202 15.21 0.97 2.61
C GLY A 202 16.22 0.50 1.59
N ASN A 203 16.71 1.46 0.80
CA ASN A 203 17.86 1.24 -0.07
C ASN A 203 19.12 1.09 0.76
N SER A 204 19.11 1.76 1.91
CA SER A 204 20.16 1.67 2.90
C SER A 204 19.52 1.24 4.19
N MET A 205 20.14 0.31 4.90
CA MET A 205 19.59 -0.22 6.15
C MET A 205 20.67 -0.62 7.11
N TYR A 206 20.45 -0.38 8.40
CA TYR A 206 21.24 -0.99 9.45
C TYR A 206 20.33 -1.93 10.25
N ASP A 207 20.80 -3.15 10.48
CA ASP A 207 20.14 -4.07 11.38
C ASP A 207 20.98 -4.05 12.66
N PRO A 208 20.34 -3.72 13.81
CA PRO A 208 21.06 -3.62 15.09
C PRO A 208 21.48 -4.97 15.66
N VAL A 209 20.78 -6.04 15.28
CA VAL A 209 21.10 -7.40 15.68
C VAL A 209 22.31 -7.90 14.87
N PHE A 210 22.24 -7.76 13.54
CA PHE A 210 23.36 -8.14 12.66
C PHE A 210 24.60 -7.26 12.88
N ASP A 211 24.39 -6.08 13.47
CA ASP A 211 25.40 -4.99 13.52
C ASP A 211 26.05 -4.82 12.12
N ALA A 212 25.20 -4.80 11.10
CA ALA A 212 25.61 -4.79 9.69
C ALA A 212 24.71 -3.87 8.87
N SER A 213 25.30 -3.30 7.82
CA SER A 213 24.59 -2.42 6.93
C SER A 213 24.42 -2.97 5.51
N PHE A 214 23.23 -2.72 4.98
CA PHE A 214 22.81 -3.12 3.65
C PHE A 214 22.85 -1.85 2.79
N HIS A 215 23.51 -1.94 1.63
CA HIS A 215 23.57 -0.84 0.65
C HIS A 215 23.32 -1.36 -0.77
N LEU A 216 23.01 -0.43 -1.70
CA LEU A 216 22.98 -0.72 -3.13
C LEU A 216 24.32 -1.32 -3.60
N ARG A 217 25.42 -0.65 -3.23
CA ARG A 217 26.78 -1.16 -3.41
C ARG A 217 27.06 -2.26 -2.39
N GLY A 218 27.93 -3.20 -2.74
CA GLY A 218 28.50 -4.13 -1.77
C GLY A 218 27.96 -5.55 -1.81
N ARG A 219 28.64 -6.41 -1.05
CA ARG A 219 28.37 -7.85 -1.05
C ARG A 219 27.40 -8.28 0.07
N GLU A 220 27.07 -7.36 0.98
CA GLU A 220 26.21 -7.66 2.12
C GLU A 220 24.77 -7.97 1.69
N LYS A 221 24.28 -7.21 0.72
CA LYS A 221 22.95 -7.41 0.12
C LYS A 221 22.71 -8.84 -0.42
N PHE A 222 23.78 -9.54 -0.78
CA PHE A 222 23.72 -10.91 -1.31
C PHE A 222 23.32 -11.94 -0.26
N ASN A 223 23.42 -11.56 1.01
CA ASN A 223 23.06 -12.45 2.10
C ASN A 223 21.55 -12.58 2.22
N HIS A 224 21.07 -13.82 2.21
CA HIS A 224 19.64 -14.13 2.26
C HIS A 224 18.90 -13.63 3.51
N ARG A 225 19.65 -13.44 4.60
CA ARG A 225 19.10 -13.08 5.91
C ARG A 225 18.33 -11.74 5.96
N TRP A 226 18.64 -10.83 5.02
CA TRP A 226 17.90 -9.57 4.87
C TRP A 226 16.48 -9.74 4.26
N TRP A 227 16.28 -10.81 3.49
CA TRP A 227 15.11 -10.95 2.60
C TRP A 227 14.13 -11.98 3.12
N GLY A 228 13.03 -11.49 3.67
CA GLY A 228 11.96 -12.34 4.17
C GLY A 228 10.93 -12.59 3.10
N GLY A 229 9.81 -13.17 3.53
CA GLY A 229 8.74 -13.54 2.65
C GLY A 229 9.13 -14.62 1.68
N GLN A 230 8.24 -14.88 0.72
CA GLN A 230 8.49 -15.87 -0.26
C GLN A 230 8.26 -15.22 -1.61
N PRO A 231 9.36 -14.92 -2.33
CA PRO A 231 9.24 -14.36 -3.67
C PRO A 231 8.59 -15.31 -4.68
N LEU A 232 8.01 -14.71 -5.74
CA LEU A 232 7.21 -15.42 -6.71
C LEU A 232 7.94 -16.63 -7.28
N TRP A 233 9.23 -16.47 -7.58
CA TRP A 233 10.00 -17.57 -8.17
C TRP A 233 10.12 -18.79 -7.27
N ILE A 234 10.13 -18.56 -5.95
CA ILE A 234 10.15 -19.64 -4.96
C ILE A 234 8.78 -20.24 -4.77
N THR A 235 7.74 -19.40 -4.75
CA THR A 235 6.35 -19.85 -4.76
C THR A 235 6.16 -20.76 -5.97
N ALA A 236 6.66 -20.33 -7.14
CA ALA A 236 6.58 -21.12 -8.38
C ALA A 236 7.28 -22.47 -8.27
N THR A 237 8.56 -22.46 -7.91
CA THR A 237 9.38 -23.68 -7.80
C THR A 237 8.79 -24.72 -6.84
N LYS A 238 8.29 -24.28 -5.68
CA LYS A 238 7.75 -25.18 -4.66
C LYS A 238 6.47 -25.88 -5.12
N GLN A 239 5.77 -25.29 -6.07
CA GLN A 239 4.54 -25.86 -6.59
C GLN A 239 4.75 -26.41 -7.99
N GLY A 240 6.01 -26.61 -8.34
CA GLY A 240 6.37 -27.32 -9.55
C GLY A 240 6.25 -26.51 -10.82
N VAL A 241 6.34 -25.19 -10.68
CA VAL A 241 6.35 -24.28 -11.82
C VAL A 241 7.77 -23.71 -11.93
N ARG A 242 8.38 -23.86 -13.10
CA ARG A 242 9.79 -23.49 -13.25
C ARG A 242 9.96 -21.96 -13.33
N ALA A 243 10.96 -21.47 -12.58
CA ALA A 243 11.26 -20.05 -12.42
C ALA A 243 12.58 -19.86 -11.71
N GLY A 244 13.45 -19.01 -12.26
CA GLY A 244 14.68 -18.59 -11.59
C GLY A 244 14.53 -17.20 -10.98
N THR A 245 15.56 -16.73 -10.28
CA THR A 245 15.53 -15.39 -9.64
C THR A 245 15.23 -14.27 -10.65
N PHE A 246 14.65 -13.19 -10.14
CA PHE A 246 14.30 -12.05 -10.96
C PHE A 246 15.46 -11.06 -11.10
N PHE A 247 16.52 -11.30 -10.34
CA PHE A 247 17.72 -10.45 -10.34
C PHE A 247 18.54 -10.56 -11.64
N TRP A 248 19.19 -9.46 -12.03
CA TRP A 248 20.17 -9.42 -13.12
C TRP A 248 21.43 -8.65 -12.68
N SER A 249 22.61 -9.20 -13.01
CA SER A 249 23.86 -8.44 -12.86
C SER A 249 23.81 -7.24 -13.77
N VAL A 250 24.21 -6.08 -13.25
CA VAL A 250 24.05 -4.78 -13.94
C VAL A 250 24.86 -4.67 -15.25
N SER A 251 25.97 -5.41 -15.33
CA SER A 251 26.87 -5.30 -16.49
C SER A 251 26.35 -5.99 -17.76
N ILE A 252 25.45 -6.96 -17.61
CA ILE A 252 24.79 -7.61 -18.78
C ILE A 252 23.88 -6.59 -19.48
N PRO A 253 24.22 -6.20 -20.74
CA PRO A 253 23.35 -5.18 -21.37
C PRO A 253 21.95 -5.73 -21.65
N HIS A 254 21.00 -4.80 -21.81
CA HIS A 254 19.57 -5.09 -21.97
C HIS A 254 19.23 -6.02 -23.11
N GLU A 255 19.94 -5.86 -24.24
CA GLU A 255 19.77 -6.67 -25.43
C GLU A 255 20.05 -8.12 -25.14
N ARG A 256 21.12 -8.37 -24.38
CA ARG A 256 21.47 -9.73 -23.98
C ARG A 256 20.43 -10.35 -23.03
N ARG A 257 19.82 -9.52 -22.19
CA ARG A 257 18.75 -9.97 -21.29
C ARG A 257 17.55 -10.44 -22.09
N ILE A 258 17.11 -9.64 -23.06
CA ILE A 258 16.01 -10.03 -23.98
C ILE A 258 16.31 -11.35 -24.70
N LEU A 259 17.44 -11.43 -25.40
CA LEU A 259 17.88 -12.64 -26.11
C LEU A 259 17.96 -13.88 -25.21
N THR A 260 18.35 -13.67 -23.96
CA THR A 260 18.43 -14.73 -22.96
C THR A 260 17.04 -15.29 -22.60
N ILE A 261 16.11 -14.40 -22.23
CA ILE A 261 14.69 -14.73 -22.01
C ILE A 261 14.12 -15.47 -23.21
N LEU A 262 14.35 -14.95 -24.42
CA LEU A 262 13.90 -15.63 -25.65
C LEU A 262 14.54 -17.01 -25.90
N GLN A 263 15.82 -17.16 -25.54
CA GLN A 263 16.50 -18.46 -25.61
C GLN A 263 15.87 -19.47 -24.63
N TRP A 264 15.76 -19.07 -23.36
CA TRP A 264 15.09 -19.89 -22.36
C TRP A 264 13.72 -20.37 -22.82
N LEU A 265 12.95 -19.48 -23.45
CA LEU A 265 11.67 -19.81 -24.04
C LEU A 265 11.71 -20.86 -25.18
N SER A 266 12.90 -21.09 -25.75
CA SER A 266 13.13 -22.12 -26.79
C SER A 266 13.55 -23.49 -26.23
N LEU A 267 13.79 -23.55 -24.94
CA LEU A 267 14.16 -24.80 -24.26
C LEU A 267 13.06 -25.86 -24.42
N PRO A 268 13.44 -27.17 -24.33
CA PRO A 268 12.44 -28.26 -24.32
C PRO A 268 11.44 -28.13 -23.18
N ASP A 269 10.22 -28.62 -23.40
CA ASP A 269 9.09 -28.46 -22.47
C ASP A 269 9.40 -28.70 -21.00
N ASN A 270 10.20 -29.72 -20.70
CA ASN A 270 10.53 -30.03 -19.31
C ASN A 270 11.70 -29.21 -18.71
N GLU A 271 12.35 -28.39 -19.54
CA GLU A 271 13.43 -27.51 -19.09
C GLU A 271 13.01 -26.05 -18.99
N ARG A 272 12.06 -25.65 -19.84
CA ARG A 272 11.63 -24.26 -20.04
C ARG A 272 10.88 -23.66 -18.83
N PRO A 273 11.36 -22.51 -18.30
CA PRO A 273 10.66 -21.82 -17.18
C PRO A 273 9.29 -21.30 -17.60
N SER A 274 8.39 -21.15 -16.63
CA SER A 274 7.07 -20.55 -16.87
C SER A 274 6.99 -19.05 -16.58
N VAL A 275 7.90 -18.54 -15.74
CA VAL A 275 7.93 -17.12 -15.43
C VAL A 275 9.32 -16.54 -15.68
N TYR A 276 9.33 -15.32 -16.21
CA TYR A 276 10.53 -14.62 -16.64
C TYR A 276 10.42 -13.19 -16.17
N ALA A 277 11.58 -12.58 -15.89
CA ALA A 277 11.63 -11.18 -15.47
C ALA A 277 12.74 -10.45 -16.18
N PHE A 278 12.39 -9.30 -16.73
CA PHE A 278 13.36 -8.34 -17.24
C PHE A 278 13.40 -7.10 -16.35
N TYR A 279 14.61 -6.63 -16.04
CA TYR A 279 14.77 -5.39 -15.30
C TYR A 279 15.48 -4.31 -16.11
N SER A 280 14.95 -3.08 -16.06
CA SER A 280 15.63 -1.87 -16.56
C SER A 280 15.95 -0.82 -15.49
N GLU A 281 17.21 -0.43 -15.42
CA GLU A 281 17.71 0.63 -14.50
C GLU A 281 17.31 2.01 -15.02
N GLN A 282 16.73 2.03 -16.21
CA GLN A 282 16.21 3.25 -16.81
C GLN A 282 14.68 3.25 -16.67
N PRO A 283 14.03 4.42 -16.58
CA PRO A 283 14.67 5.74 -16.72
C PRO A 283 15.17 6.38 -15.41
N ASP A 284 15.19 5.63 -14.30
CA ASP A 284 15.62 6.14 -12.98
C ASP A 284 17.03 6.77 -13.02
N PHE A 285 17.97 6.08 -13.69
CA PHE A 285 19.36 6.47 -13.78
C PHE A 285 19.57 7.88 -14.32
N SER A 286 18.92 8.19 -15.45
CA SER A 286 18.97 9.53 -16.02
C SER A 286 18.12 10.48 -15.22
N GLY A 287 16.94 10.01 -14.81
CA GLY A 287 16.02 10.72 -13.93
C GLY A 287 16.71 11.41 -12.77
N HIS A 288 17.62 10.70 -12.12
CA HIS A 288 18.38 11.30 -11.02
C HIS A 288 19.22 12.48 -11.47
N LYS A 289 19.90 12.33 -12.62
CA LYS A 289 20.79 13.36 -13.18
C LYS A 289 20.02 14.57 -13.72
N TYR A 290 18.91 14.30 -14.42
CA TYR A 290 18.29 15.30 -15.26
C TYR A 290 16.94 15.75 -14.79
N GLY A 291 16.43 15.11 -13.72
CA GLY A 291 15.07 15.40 -13.27
C GLY A 291 14.01 14.68 -14.10
N PRO A 292 12.79 14.51 -13.54
CA PRO A 292 11.82 13.63 -14.18
C PRO A 292 11.48 14.03 -15.63
N PHE A 293 11.47 15.34 -15.92
CA PHE A 293 11.12 15.81 -17.27
C PHE A 293 12.23 16.54 -18.02
N GLY A 294 13.48 16.34 -17.58
CA GLY A 294 14.65 16.92 -18.26
C GLY A 294 14.63 16.60 -19.75
N PRO A 295 15.00 17.56 -20.64
CA PRO A 295 15.04 17.24 -22.07
C PRO A 295 15.89 15.98 -22.41
N GLU A 296 16.85 15.68 -21.54
CA GLU A 296 17.66 14.46 -21.66
C GLU A 296 16.86 13.17 -21.39
N MET A 297 15.59 13.28 -21.00
CA MET A 297 14.76 12.11 -20.63
C MET A 297 14.07 11.46 -21.83
N THR A 298 13.99 12.16 -22.94
CA THR A 298 13.38 11.59 -24.16
C THR A 298 14.10 10.34 -24.65
N ASN A 299 15.43 10.36 -24.63
CA ASN A 299 16.21 9.23 -25.11
C ASN A 299 16.09 7.94 -24.27
N PRO A 300 16.26 8.01 -22.93
CA PRO A 300 15.96 6.81 -22.13
C PRO A 300 14.59 6.20 -22.40
N LEU A 301 13.56 7.04 -22.55
CA LEU A 301 12.21 6.56 -22.90
C LEU A 301 12.13 5.89 -24.26
N ARG A 302 12.76 6.49 -25.27
CA ARG A 302 12.92 5.86 -26.58
C ARG A 302 13.52 4.49 -26.45
N GLU A 303 14.59 4.38 -25.67
CA GLU A 303 15.37 3.17 -25.59
C GLU A 303 14.62 2.03 -24.88
N ILE A 304 13.89 2.36 -23.81
CA ILE A 304 13.03 1.38 -23.13
C ILE A 304 11.96 0.91 -24.11
N ASP A 305 11.37 1.84 -24.89
CA ASP A 305 10.42 1.40 -25.90
C ASP A 305 11.01 0.41 -26.94
N LYS A 306 12.20 0.73 -27.42
CA LYS A 306 12.92 -0.12 -28.32
C LYS A 306 13.07 -1.54 -27.70
N THR A 307 13.48 -1.60 -26.44
CA THR A 307 13.63 -2.86 -25.74
C THR A 307 12.32 -3.66 -25.68
N VAL A 308 11.22 -3.00 -25.33
CA VAL A 308 9.89 -3.62 -25.33
C VAL A 308 9.60 -4.17 -26.76
N GLY A 309 9.92 -3.37 -27.78
CA GLY A 309 9.78 -3.76 -29.18
C GLY A 309 10.55 -5.00 -29.55
N GLN A 310 11.80 -5.10 -29.08
CA GLN A 310 12.65 -6.27 -29.27
C GLN A 310 12.02 -7.52 -28.66
N LEU A 311 11.50 -7.39 -27.44
CA LEU A 311 10.86 -8.53 -26.78
C LEU A 311 9.63 -8.97 -27.57
N MET A 312 8.76 -8.01 -27.95
CA MET A 312 7.52 -8.35 -28.68
C MET A 312 7.78 -8.94 -30.06
N ASP A 313 8.73 -8.37 -30.82
CA ASP A 313 9.18 -8.95 -32.09
C ASP A 313 9.70 -10.38 -31.89
N GLY A 314 10.49 -10.56 -30.83
CA GLY A 314 11.06 -11.84 -30.47
C GLY A 314 10.00 -12.87 -30.15
N LEU A 315 8.99 -12.47 -29.40
CA LEU A 315 7.89 -13.36 -29.07
C LEU A 315 7.07 -13.74 -30.30
N LYS A 316 6.85 -12.76 -31.19
CA LYS A 316 6.14 -12.98 -32.44
C LYS A 316 6.90 -14.00 -33.29
N GLN A 317 8.22 -13.84 -33.38
CA GLN A 317 9.10 -14.80 -34.07
C GLN A 317 8.86 -16.22 -33.63
N LEU A 318 8.88 -16.41 -32.30
CA LEU A 318 8.63 -17.70 -31.67
C LEU A 318 7.14 -18.07 -31.58
N ARG A 319 6.28 -17.30 -32.23
CA ARG A 319 4.78 -17.45 -32.17
C ARG A 319 4.24 -17.58 -30.75
N LEU A 320 4.80 -16.77 -29.85
CA LEU A 320 4.43 -16.70 -28.45
C LEU A 320 3.69 -15.41 -28.09
N HIS A 321 3.49 -14.55 -29.09
CA HIS A 321 2.98 -13.19 -28.88
C HIS A 321 1.49 -13.09 -28.56
N ARG A 322 0.75 -14.16 -28.88
CA ARG A 322 -0.65 -14.30 -28.47
C ARG A 322 -0.79 -15.48 -27.48
N CYS A 323 0.33 -15.83 -26.85
CA CYS A 323 0.40 -16.91 -25.88
C CYS A 323 0.86 -16.43 -24.49
N VAL A 324 1.86 -15.53 -24.45
CA VAL A 324 2.46 -15.00 -23.22
C VAL A 324 1.64 -13.86 -22.54
N ASN A 325 1.63 -13.83 -21.20
CA ASN A 325 1.14 -12.66 -20.47
C ASN A 325 2.27 -11.75 -20.05
N VAL A 326 2.19 -10.49 -20.45
CA VAL A 326 3.26 -9.54 -20.21
C VAL A 326 2.77 -8.51 -19.19
N ILE A 327 3.54 -8.33 -18.13
CA ILE A 327 3.32 -7.23 -17.20
C ILE A 327 4.41 -6.18 -17.40
N PHE A 328 4.00 -4.94 -17.64
CA PHE A 328 4.88 -3.77 -17.73
C PHE A 328 4.59 -2.94 -16.48
N VAL A 329 5.60 -2.82 -15.63
CA VAL A 329 5.41 -2.32 -14.28
C VAL A 329 6.63 -1.55 -13.81
N GLY A 330 6.36 -0.44 -13.10
CA GLY A 330 7.44 0.30 -12.47
C GLY A 330 7.51 0.14 -10.97
N ASP A 331 8.66 0.47 -10.38
CA ASP A 331 8.81 0.39 -8.93
C ASP A 331 8.41 1.68 -8.20
N HIS A 332 8.58 2.84 -8.86
CA HIS A 332 8.32 4.16 -8.22
C HIS A 332 8.52 5.25 -9.27
N GLY A 333 8.11 6.47 -8.93
CA GLY A 333 8.23 7.61 -9.82
C GLY A 333 9.53 8.36 -9.61
N MET A 334 9.49 9.66 -9.90
CA MET A 334 10.65 10.52 -9.80
C MET A 334 10.19 11.96 -9.64
N GLU A 335 10.81 12.67 -8.69
CA GLU A 335 10.49 14.05 -8.38
C GLU A 335 11.68 14.99 -8.64
N ASP A 336 11.41 16.26 -8.93
CA ASP A 336 12.46 17.30 -9.01
C ASP A 336 13.05 17.56 -7.62
N VAL A 337 14.33 17.22 -7.44
CA VAL A 337 15.04 17.46 -6.16
C VAL A 337 16.45 17.97 -6.48
N THR A 338 16.81 19.14 -5.95
CA THR A 338 18.19 19.69 -6.08
C THR A 338 18.84 19.96 -4.71
N CYS A 339 20.17 20.11 -4.70
CA CYS A 339 21.02 20.30 -3.49
C CYS A 339 20.64 21.46 -2.60
N ASP A 340 20.24 22.57 -3.20
CA ASP A 340 19.81 23.78 -2.48
C ASP A 340 18.53 23.56 -1.68
N ARG A 341 17.73 22.57 -2.10
CA ARG A 341 16.58 22.12 -1.28
C ARG A 341 16.96 20.98 -0.34
N THR A 342 17.94 21.27 0.51
CA THR A 342 18.33 20.41 1.62
C THR A 342 18.17 21.13 2.94
N GLU A 343 17.36 20.54 3.80
CA GLU A 343 17.28 20.93 5.19
C GLU A 343 18.40 20.19 5.91
N PHE A 344 19.14 20.92 6.75
CA PHE A 344 20.22 20.30 7.53
C PHE A 344 19.87 20.23 9.00
N LEU A 345 20.03 19.04 9.57
CA LEU A 345 19.76 18.82 11.00
C LEU A 345 20.63 19.69 11.93
N SER A 346 21.81 20.07 11.46
CA SER A 346 22.74 20.94 12.19
C SER A 346 22.20 22.35 12.40
N ASN A 347 21.18 22.72 11.63
CA ASN A 347 20.39 23.93 11.86
C ASN A 347 19.28 23.82 12.91
N TYR A 348 19.15 22.63 13.54
CA TYR A 348 18.11 22.37 14.53
C TYR A 348 18.67 21.86 15.83
N LEU A 349 19.70 21.05 15.71
CA LEU A 349 20.30 20.38 16.84
C LEU A 349 21.69 20.98 17.07
N THR A 350 22.11 20.99 18.34
CA THR A 350 23.47 21.38 18.69
C THR A 350 24.32 20.13 18.91
N ASN A 351 23.63 19.03 19.23
CA ASN A 351 24.27 17.74 19.48
C ASN A 351 24.30 16.82 18.25
N VAL A 352 24.48 17.41 17.07
CA VAL A 352 24.40 16.72 15.76
C VAL A 352 25.40 15.54 15.52
N ASP A 353 26.47 15.48 16.31
CA ASP A 353 27.48 14.41 16.20
C ASP A 353 27.15 13.20 17.07
N ASP A 354 26.11 13.32 17.90
CA ASP A 354 25.58 12.23 18.71
C ASP A 354 24.69 11.28 17.90
N ILE A 355 24.21 11.75 16.74
CA ILE A 355 23.23 11.00 15.94
C ILE A 355 23.77 10.46 14.63
N THR A 356 23.19 9.33 14.19
CA THR A 356 23.36 8.81 12.84
C THR A 356 22.07 9.02 12.06
N LEU A 357 22.19 9.59 10.88
CA LEU A 357 21.04 9.82 9.99
C LEU A 357 21.13 9.00 8.70
N VAL A 358 20.02 8.34 8.36
CA VAL A 358 19.78 7.82 7.02
C VAL A 358 19.18 8.97 6.20
N PRO A 359 20.00 9.63 5.33
CA PRO A 359 19.55 10.91 4.78
C PRO A 359 18.73 10.77 3.50
N GLY A 360 18.14 11.89 3.10
CA GLY A 360 17.70 12.12 1.73
C GLY A 360 16.24 12.51 1.68
N THR A 361 15.48 11.77 0.87
CA THR A 361 14.02 11.89 0.71
C THR A 361 13.19 11.28 1.86
N LEU A 362 13.86 10.64 2.81
CA LEU A 362 13.27 10.31 4.13
C LEU A 362 14.42 10.46 5.11
N GLY A 363 14.08 10.50 6.39
CA GLY A 363 15.10 10.54 7.44
C GLY A 363 14.84 9.44 8.43
N ARG A 364 15.92 8.79 8.85
CA ARG A 364 15.86 7.85 9.95
C ARG A 364 17.05 8.17 10.85
N ILE A 365 16.75 8.52 12.10
CA ILE A 365 17.76 8.93 13.08
C ILE A 365 17.85 7.89 14.20
N ARG A 366 19.09 7.52 14.55
CA ARG A 366 19.36 6.66 15.69
C ARG A 366 20.66 7.15 16.34
N ALA A 367 20.89 6.74 17.58
CA ALA A 367 22.12 7.09 18.32
C ALA A 367 23.35 6.63 17.55
N LYS A 368 24.35 7.51 17.44
CA LYS A 368 25.65 7.14 16.87
C LYS A 368 26.35 6.07 17.71
N SER A 369 26.29 6.21 19.03
CA SER A 369 26.83 5.23 19.97
C SER A 369 25.74 4.58 20.82
N ILE A 370 25.59 3.25 20.70
CA ILE A 370 24.60 2.48 21.49
C ILE A 370 25.00 2.36 22.98
N ASN A 371 26.25 2.77 23.26
CA ASN A 371 26.82 2.86 24.62
C ASN A 371 26.51 4.19 25.31
N ASN A 372 25.49 4.89 24.84
CA ASN A 372 25.04 6.14 25.46
C ASN A 372 23.66 5.99 26.12
N SER A 373 23.65 5.98 27.46
CA SER A 373 22.42 5.99 28.27
C SER A 373 21.92 7.42 28.54
N LYS A 374 22.78 8.40 28.24
CA LYS A 374 22.38 9.81 28.13
C LYS A 374 22.13 10.16 26.66
N TYR A 375 21.18 9.42 26.07
CA TYR A 375 20.63 9.69 24.73
C TYR A 375 19.10 9.66 24.85
N ASP A 376 18.47 10.77 24.46
CA ASP A 376 17.02 10.97 24.60
C ASP A 376 16.33 11.32 23.25
N PRO A 377 15.59 10.34 22.66
CA PRO A 377 14.76 10.56 21.47
C PRO A 377 13.72 11.67 21.64
N LYS A 378 13.16 11.81 22.83
CA LYS A 378 12.17 12.85 23.11
C LYS A 378 12.72 14.24 22.80
N THR A 379 13.90 14.55 23.34
CA THR A 379 14.55 15.86 23.18
C THR A 379 14.87 16.18 21.70
N ILE A 380 15.32 15.17 20.96
CA ILE A 380 15.59 15.28 19.52
C ILE A 380 14.31 15.58 18.73
N ILE A 381 13.25 14.80 18.95
CA ILE A 381 11.94 15.06 18.32
C ILE A 381 11.50 16.50 18.58
N ALA A 382 11.57 16.90 19.85
CA ALA A 382 11.17 18.24 20.27
C ALA A 382 12.01 19.31 19.57
N ALA A 383 13.32 19.08 19.46
CA ALA A 383 14.22 19.98 18.73
C ALA A 383 13.97 20.02 17.22
N LEU A 384 13.20 19.06 16.71
CA LEU A 384 12.87 18.99 15.29
C LEU A 384 11.43 19.37 14.97
N THR A 385 10.65 19.65 16.01
CA THR A 385 9.22 19.88 15.85
C THR A 385 8.88 21.34 15.73
N CYS A 386 8.30 21.70 14.58
CA CYS A 386 7.76 23.03 14.29
C CYS A 386 8.75 24.15 14.65
N LYS A 387 10.03 23.95 14.29
CA LYS A 387 11.07 24.87 14.69
C LYS A 387 11.28 26.03 13.72
N LYS A 388 10.99 25.81 12.44
CA LYS A 388 11.01 26.85 11.41
C LYS A 388 9.64 26.97 10.72
N PRO A 389 9.21 28.21 10.37
CA PRO A 389 7.91 28.39 9.71
C PRO A 389 7.78 27.64 8.36
N ASP A 390 8.90 27.47 7.68
CA ASP A 390 8.94 26.93 6.32
C ASP A 390 9.15 25.42 6.32
N GLN A 391 9.51 24.88 7.48
CA GLN A 391 10.06 23.53 7.66
C GLN A 391 9.56 22.47 6.68
N HIS A 392 10.52 21.87 5.97
CA HIS A 392 10.25 20.93 4.88
C HIS A 392 10.36 19.44 5.26
N PHE A 393 10.32 19.16 6.56
CA PHE A 393 10.16 17.81 7.10
C PHE A 393 9.30 17.86 8.36
N LYS A 394 8.79 16.70 8.78
CA LYS A 394 8.12 16.55 10.06
C LYS A 394 8.63 15.29 10.76
N PRO A 395 9.17 15.42 12.00
CA PRO A 395 9.66 14.26 12.75
C PRO A 395 8.53 13.40 13.32
N TYR A 396 8.78 12.12 13.43
CA TYR A 396 7.79 11.21 14.01
C TYR A 396 8.51 10.15 14.80
N MET A 397 7.94 9.78 15.93
CA MET A 397 8.16 8.46 16.46
C MET A 397 7.50 7.53 15.44
N LYS A 398 8.17 6.42 15.08
CA LYS A 398 7.67 5.51 14.03
C LYS A 398 6.24 4.99 14.23
N GLN A 399 5.88 4.68 15.48
CA GLN A 399 4.53 4.18 15.77
C GLN A 399 3.46 5.24 15.52
N HIS A 400 3.87 6.51 15.43
CA HIS A 400 2.96 7.61 15.14
C HIS A 400 2.85 7.98 13.67
N LEU A 401 3.67 7.36 12.81
CA LEU A 401 3.51 7.55 11.38
C LEU A 401 2.11 7.15 10.94
N PRO A 402 1.58 7.78 9.86
CA PRO A 402 0.26 7.36 9.36
C PRO A 402 0.18 5.84 9.13
N LYS A 403 -0.87 5.22 9.64
CA LYS A 403 -0.96 3.75 9.60
C LYS A 403 -0.95 3.21 8.16
N ARG A 404 -1.37 4.05 7.20
CA ARG A 404 -1.41 3.68 5.78
C ARG A 404 -0.03 3.37 5.21
N LEU A 405 1.01 3.91 5.84
CA LEU A 405 2.39 3.67 5.41
C LEU A 405 2.89 2.30 5.85
N HIS A 406 2.24 1.70 6.87
CA HIS A 406 2.63 0.40 7.41
C HIS A 406 4.15 0.37 7.59
N TYR A 407 4.67 1.37 8.30
CA TYR A 407 6.12 1.54 8.37
C TYR A 407 6.66 1.63 9.78
N ALA A 408 6.57 0.53 10.53
CA ALA A 408 7.01 0.54 11.91
C ALA A 408 7.46 -0.80 12.41
N ASN A 409 6.74 -1.86 12.05
CA ASN A 409 7.02 -3.18 12.61
C ASN A 409 8.24 -3.95 12.06
N ASN A 410 9.43 -3.37 12.29
CA ASN A 410 10.70 -3.99 11.90
C ASN A 410 11.86 -3.36 12.70
N ARG A 411 12.72 -4.20 13.25
CA ARG A 411 13.85 -3.74 14.06
C ARG A 411 14.80 -2.85 13.23
N ARG A 412 14.75 -3.02 11.91
CA ARG A 412 15.58 -2.22 10.99
C ARG A 412 15.02 -0.80 10.74
N ILE A 413 13.83 -0.49 11.25
CA ILE A 413 13.23 0.83 11.04
C ILE A 413 13.48 1.62 12.32
N GLU A 414 14.21 2.74 12.20
CA GLU A 414 14.60 3.54 13.38
C GLU A 414 13.37 4.16 14.06
N ASP A 415 13.40 4.25 15.39
CA ASP A 415 12.31 4.85 16.17
C ASP A 415 11.96 6.26 15.71
N ILE A 416 12.96 7.04 15.31
CA ILE A 416 12.77 8.41 14.86
C ILE A 416 12.79 8.42 13.34
N HIS A 417 11.71 8.93 12.74
CA HIS A 417 11.55 8.99 11.29
C HIS A 417 11.25 10.40 10.88
N LEU A 418 11.82 10.82 9.75
CA LEU A 418 11.49 12.14 9.23
C LEU A 418 10.78 11.98 7.89
N LEU A 419 9.53 12.46 7.84
CA LEU A 419 8.79 12.48 6.60
C LEU A 419 9.16 13.77 5.91
N VAL A 420 9.85 13.63 4.77
CA VAL A 420 10.41 14.77 4.08
C VAL A 420 9.42 15.24 3.03
N ASP A 421 9.18 16.55 2.98
CA ASP A 421 8.35 17.16 1.93
C ASP A 421 8.88 16.83 0.54
N ARG A 422 7.95 16.58 -0.38
CA ARG A 422 8.26 16.39 -1.77
C ARG A 422 9.12 17.56 -2.25
N ARG A 423 10.13 17.22 -3.06
CA ARG A 423 11.04 18.18 -3.68
CA ARG A 423 11.06 18.17 -3.69
C ARG A 423 12.24 18.54 -2.80
N TRP A 424 12.25 18.01 -1.57
CA TRP A 424 13.29 18.33 -0.58
C TRP A 424 14.14 17.12 -0.17
N HIS A 425 15.22 17.42 0.56
CA HIS A 425 16.11 16.44 1.14
C HIS A 425 16.35 16.82 2.60
N VAL A 426 16.63 15.82 3.42
CA VAL A 426 17.21 16.05 4.74
C VAL A 426 18.65 15.50 4.72
N ALA A 427 19.57 16.27 5.32
CA ALA A 427 20.94 15.84 5.57
C ALA A 427 21.32 16.20 7.02
N ARG A 428 22.39 15.59 7.51
CA ARG A 428 22.86 15.87 8.87
C ARG A 428 23.57 17.24 8.96
N LYS A 429 24.59 17.45 8.12
CA LYS A 429 25.46 18.64 8.13
CA LYS A 429 25.34 18.69 8.11
C LYS A 429 25.69 19.07 6.69
N PRO A 430 26.02 20.38 6.46
CA PRO A 430 26.40 20.75 5.09
C PRO A 430 27.54 19.94 4.45
N LEU A 431 28.53 19.50 5.23
CA LEU A 431 29.66 18.72 4.66
C LEU A 431 29.21 17.44 3.94
N ASP A 432 28.15 16.80 4.44
CA ASP A 432 27.55 15.58 3.85
C ASP A 432 27.08 15.74 2.39
N VAL A 433 26.67 16.96 2.00
CA VAL A 433 26.19 17.23 0.64
C VAL A 433 27.33 17.52 -0.36
N TYR A 434 28.15 18.56 -0.11
CA TYR A 434 29.25 18.92 -1.03
C TYR A 434 30.44 17.91 -1.06
N LYS A 435 30.77 17.34 0.11
CA LYS A 435 31.76 16.23 0.24
C LYS A 435 31.05 14.85 0.34
N LYS A 436 30.45 14.43 -0.78
CA LYS A 436 29.70 13.16 -0.86
C LYS A 436 30.53 12.03 -1.46
N CYS A 441 26.70 20.65 -7.59
CA CYS A 441 25.56 19.79 -7.33
C CYS A 441 25.37 18.70 -8.39
N PHE A 442 25.35 17.44 -7.92
CA PHE A 442 25.31 16.28 -8.81
C PHE A 442 23.92 16.00 -9.39
N PHE A 443 22.90 16.06 -8.54
CA PHE A 443 21.58 15.50 -8.85
C PHE A 443 20.49 16.54 -9.18
N GLN A 444 19.52 16.10 -9.98
CA GLN A 444 18.32 16.89 -10.28
C GLN A 444 17.01 16.14 -10.03
N GLY A 445 17.09 14.86 -9.70
CA GLY A 445 15.89 14.08 -9.49
C GLY A 445 16.10 13.12 -8.37
N ASP A 446 15.04 12.86 -7.59
CA ASP A 446 15.07 11.82 -6.57
C ASP A 446 13.66 11.29 -6.23
N HIS A 447 13.62 10.27 -5.39
CA HIS A 447 12.39 9.58 -5.07
C HIS A 447 12.58 8.98 -3.68
N GLY A 448 11.48 8.50 -3.08
CA GLY A 448 11.48 7.90 -1.73
C GLY A 448 10.46 8.53 -0.80
N PHE A 449 9.86 9.65 -1.23
CA PHE A 449 8.76 10.35 -0.51
C PHE A 449 7.55 9.45 -0.22
N ASP A 450 6.71 9.94 0.70
CA ASP A 450 5.36 9.41 0.96
C ASP A 450 4.69 8.81 -0.30
N ASN A 451 4.12 7.61 -0.19
CA ASN A 451 3.60 6.90 -1.37
C ASN A 451 2.29 7.43 -1.95
N LYS A 452 1.71 8.41 -1.29
CA LYS A 452 0.54 9.09 -1.80
C LYS A 452 0.91 10.19 -2.80
N VAL A 453 2.19 10.60 -2.81
CA VAL A 453 2.67 11.75 -3.59
C VAL A 453 2.58 11.46 -5.09
N ASN A 454 1.88 12.33 -5.83
CA ASN A 454 1.69 12.13 -7.28
C ASN A 454 2.93 11.76 -8.08
N SER A 455 4.04 12.48 -7.82
CA SER A 455 5.31 12.24 -8.53
C SER A 455 5.92 10.88 -8.25
N MET A 456 5.48 10.24 -7.15
CA MET A 456 6.01 8.92 -6.79
C MET A 456 5.24 7.78 -7.44
N GLN A 457 4.08 8.11 -8.04
CA GLN A 457 3.20 7.10 -8.63
C GLN A 457 3.89 6.48 -9.83
N THR A 458 3.62 5.18 -10.05
CA THR A 458 4.27 4.49 -11.14
C THR A 458 3.25 3.86 -12.07
N VAL A 459 3.67 2.85 -12.84
CA VAL A 459 2.87 2.32 -13.95
CA VAL A 459 2.93 2.32 -13.99
C VAL A 459 2.49 0.85 -13.83
N PHE A 460 1.34 0.53 -14.42
CA PHE A 460 0.94 -0.87 -14.62
C PHE A 460 0.21 -1.08 -15.94
N VAL A 461 0.71 -2.01 -16.75
CA VAL A 461 0.03 -2.53 -17.92
C VAL A 461 0.11 -4.07 -17.87
N GLY A 462 -1.01 -4.72 -18.19
CA GLY A 462 -1.10 -6.19 -18.30
C GLY A 462 -1.61 -6.50 -19.70
N TYR A 463 -0.92 -7.37 -20.41
CA TYR A 463 -1.23 -7.67 -21.79
C TYR A 463 -1.07 -9.15 -22.05
N GLY A 464 -2.06 -9.75 -22.71
CA GLY A 464 -2.03 -11.17 -23.02
C GLY A 464 -3.38 -11.83 -22.89
N PRO A 465 -3.45 -13.17 -23.06
CA PRO A 465 -4.73 -13.91 -23.05
C PRO A 465 -5.51 -13.87 -21.74
N THR A 466 -4.83 -13.88 -20.59
CA THR A 466 -5.48 -13.85 -19.27
C THR A 466 -5.97 -12.44 -18.84
N PHE A 467 -5.32 -11.38 -19.32
CA PHE A 467 -5.79 -10.02 -19.05
C PHE A 467 -6.96 -9.63 -19.97
N LYS A 468 -7.72 -8.62 -19.57
CA LYS A 468 -8.81 -8.13 -20.38
C LYS A 468 -8.32 -7.28 -21.55
N TYR A 469 -9.21 -7.07 -22.50
CA TYR A 469 -8.91 -6.40 -23.73
C TYR A 469 -9.35 -4.94 -23.65
N ARG A 470 -8.47 -4.02 -24.02
CA ARG A 470 -8.80 -2.56 -24.06
C ARG A 470 -9.58 -2.06 -22.82
N THR A 471 -9.04 -2.33 -21.63
CA THR A 471 -9.74 -2.11 -20.36
C THR A 471 -8.95 -1.15 -19.48
N LYS A 472 -9.63 -0.12 -18.96
CA LYS A 472 -9.07 0.74 -17.93
C LYS A 472 -9.49 0.23 -16.56
N VAL A 473 -8.55 0.07 -15.64
CA VAL A 473 -8.93 -0.26 -14.25
C VAL A 473 -8.53 0.91 -13.34
N PRO A 474 -9.19 1.06 -12.17
CA PRO A 474 -8.78 2.11 -11.24
C PRO A 474 -7.35 1.86 -10.70
N PRO A 475 -6.68 2.91 -10.16
CA PRO A 475 -5.36 2.76 -9.56
C PRO A 475 -5.44 1.83 -8.39
N PHE A 476 -4.35 1.12 -8.15
CA PHE A 476 -4.29 0.10 -7.11
C PHE A 476 -2.85 0.08 -6.61
N GLU A 477 -2.62 -0.69 -5.55
CA GLU A 477 -1.34 -0.73 -4.88
C GLU A 477 -0.52 -1.93 -5.32
N ASN A 478 0.78 -1.71 -5.50
CA ASN A 478 1.66 -2.76 -5.95
C ASN A 478 1.68 -4.04 -5.06
N ILE A 479 1.33 -3.90 -3.77
CA ILE A 479 1.15 -5.08 -2.88
C ILE A 479 0.15 -6.12 -3.37
N GLU A 480 -0.81 -5.69 -4.19
CA GLU A 480 -1.82 -6.56 -4.80
C GLU A 480 -1.35 -7.48 -5.93
N LEU A 481 -0.29 -7.11 -6.65
CA LEU A 481 0.16 -7.87 -7.83
C LEU A 481 0.62 -9.31 -7.63
N TYR A 482 1.38 -9.56 -6.56
CA TYR A 482 1.79 -10.92 -6.21
C TYR A 482 0.66 -11.97 -6.40
N ASN A 483 -0.51 -11.72 -5.80
CA ASN A 483 -1.69 -12.59 -5.91
C ASN A 483 -2.11 -12.81 -7.38
N VAL A 484 -2.14 -11.73 -8.16
CA VAL A 484 -2.51 -11.78 -9.57
C VAL A 484 -1.50 -12.62 -10.33
N MET A 485 -0.22 -12.40 -10.08
CA MET A 485 0.79 -13.20 -10.75
C MET A 485 0.65 -14.69 -10.37
N CYS A 486 0.35 -14.96 -9.11
CA CYS A 486 0.04 -16.33 -8.69
C CYS A 486 -1.11 -16.94 -9.48
N ASP A 487 -2.22 -16.21 -9.57
CA ASP A 487 -3.37 -16.62 -10.39
C ASP A 487 -2.96 -16.89 -11.84
N LEU A 488 -2.21 -15.97 -12.44
CA LEU A 488 -1.77 -16.07 -13.82
C LEU A 488 -0.97 -17.34 -14.07
N LEU A 489 -0.45 -17.93 -13.00
CA LEU A 489 0.43 -19.10 -13.05
C LEU A 489 -0.15 -20.35 -12.34
N GLY A 490 -1.40 -20.30 -11.89
CA GLY A 490 -2.04 -21.43 -11.21
C GLY A 490 -1.34 -21.77 -9.91
N LEU A 491 -0.82 -20.75 -9.24
CA LEU A 491 -0.11 -20.93 -7.97
C LEU A 491 -1.00 -20.54 -6.84
N LYS A 492 -0.82 -21.17 -5.69
CA LYS A 492 -1.47 -20.71 -4.46
C LYS A 492 -0.53 -19.71 -3.80
N PRO A 493 -1.00 -18.45 -3.56
CA PRO A 493 -0.06 -17.45 -3.02
C PRO A 493 0.36 -17.76 -1.57
N ALA A 494 1.63 -17.56 -1.26
CA ALA A 494 2.10 -17.51 0.13
C ALA A 494 1.38 -16.37 0.90
N PRO A 495 1.23 -16.50 2.24
CA PRO A 495 0.55 -15.43 2.98
C PRO A 495 1.18 -14.04 2.70
N ASN A 496 0.33 -13.06 2.36
CA ASN A 496 0.84 -11.75 1.93
C ASN A 496 -0.12 -10.61 2.25
N ASN A 497 0.23 -9.38 1.86
CA ASN A 497 -0.57 -8.22 2.26
C ASN A 497 -1.60 -7.78 1.25
N GLY A 498 -1.63 -8.43 0.09
CA GLY A 498 -2.69 -8.22 -0.90
C GLY A 498 -4.01 -8.73 -0.34
N THR A 499 -5.10 -8.36 -0.99
CA THR A 499 -6.43 -8.83 -0.68
C THR A 499 -6.86 -9.61 -1.93
N HIS A 500 -6.73 -10.93 -1.85
CA HIS A 500 -6.97 -11.80 -2.99
C HIS A 500 -8.40 -11.72 -3.52
N GLY A 501 -8.52 -11.27 -4.76
CA GLY A 501 -9.83 -11.00 -5.34
C GLY A 501 -10.05 -9.52 -5.62
N SER A 502 -9.30 -8.66 -4.97
CA SER A 502 -9.46 -7.21 -5.19
C SER A 502 -9.04 -6.80 -6.61
N LEU A 503 -8.16 -7.58 -7.25
CA LEU A 503 -7.80 -7.33 -8.65
C LEU A 503 -8.42 -8.29 -9.68
N ASN A 504 -9.47 -9.02 -9.28
CA ASN A 504 -10.18 -9.90 -10.22
C ASN A 504 -10.65 -9.24 -11.51
N HIS A 505 -11.06 -7.96 -11.42
CA HIS A 505 -11.48 -7.16 -12.57
C HIS A 505 -10.40 -6.87 -13.65
N LEU A 506 -9.17 -7.33 -13.40
CA LEU A 506 -8.06 -7.15 -14.36
C LEU A 506 -8.03 -8.32 -15.33
N LEU A 507 -8.65 -9.42 -14.93
CA LEU A 507 -8.46 -10.68 -15.60
C LEU A 507 -9.67 -11.10 -16.41
N ARG A 508 -9.40 -11.71 -17.56
CA ARG A 508 -10.44 -12.32 -18.38
C ARG A 508 -11.00 -13.54 -17.67
N THR A 509 -10.09 -14.44 -17.27
CA THR A 509 -10.49 -15.68 -16.61
C THR A 509 -9.80 -15.77 -15.26
N ASN A 510 -10.58 -16.06 -14.22
CA ASN A 510 -10.13 -15.80 -12.86
C ASN A 510 -9.39 -16.83 -12.01
N THR A 511 -10.02 -18.00 -11.82
CA THR A 511 -9.53 -19.12 -10.95
C THR A 511 -9.49 -18.85 -9.43
N PHE A 512 -9.43 -17.59 -9.01
CA PHE A 512 -9.68 -17.26 -7.59
C PHE A 512 -11.08 -16.69 -7.34
N ARG A 513 -11.89 -17.46 -6.63
CA ARG A 513 -13.22 -17.03 -6.20
C ARG A 513 -13.16 -16.72 -4.71
N PRO A 514 -13.15 -15.42 -4.34
CA PRO A 514 -13.06 -15.07 -2.92
C PRO A 514 -14.36 -15.31 -2.15
N THR A 515 -14.22 -15.62 -0.87
CA THR A 515 -15.35 -15.82 0.01
C THR A 515 -15.14 -14.96 1.25
N MET A 516 -16.26 -14.50 1.82
CA MET A 516 -16.23 -13.73 3.05
C MET A 516 -15.77 -14.61 4.19
N PRO A 517 -14.86 -14.09 5.04
CA PRO A 517 -14.47 -14.80 6.25
C PRO A 517 -15.68 -15.10 7.13
N ASP A 518 -15.71 -16.26 7.77
CA ASP A 518 -16.82 -16.62 8.64
C ASP A 518 -16.77 -15.78 9.90
N GLU A 519 -17.94 -15.31 10.33
CA GLU A 519 -18.07 -14.69 11.63
C GLU A 519 -17.73 -15.73 12.69
N VAL A 520 -16.88 -15.32 13.64
CA VAL A 520 -16.46 -16.14 14.78
C VAL A 520 -17.32 -15.88 16.02
N SER A 521 -17.57 -14.62 16.37
CA SER A 521 -18.44 -14.31 17.51
C SER A 521 -19.81 -13.81 17.07
N ARG A 522 -20.85 -14.49 17.52
CA ARG A 522 -22.21 -14.03 17.30
C ARG A 522 -22.54 -13.01 18.40
N PRO A 523 -23.33 -11.97 18.11
CA PRO A 523 -23.63 -10.99 19.16
C PRO A 523 -24.68 -11.48 20.16
N ASN A 524 -24.75 -10.81 21.32
CA ASN A 524 -25.93 -10.83 22.18
C ASN A 524 -26.87 -9.67 21.84
N TYR A 525 -28.15 -9.85 22.11
CA TYR A 525 -29.13 -8.80 21.92
C TYR A 525 -29.86 -8.50 23.25
N PRO A 526 -29.20 -7.76 24.16
CA PRO A 526 -29.76 -7.64 25.50
C PRO A 526 -30.99 -6.72 25.52
N GLY A 527 -31.99 -7.08 26.34
CA GLY A 527 -33.11 -6.17 26.63
C GLY A 527 -32.80 -5.38 27.90
N ILE A 528 -33.79 -4.64 28.38
CA ILE A 528 -33.70 -3.97 29.68
C ILE A 528 -33.56 -5.04 30.76
N MET A 529 -32.41 -5.05 31.44
CA MET A 529 -32.05 -6.10 32.40
CA MET A 529 -32.10 -6.09 32.42
C MET A 529 -31.67 -5.56 33.78
N TYR A 530 -31.44 -4.23 33.89
CA TYR A 530 -30.95 -3.61 35.14
C TYR A 530 -31.72 -2.37 35.52
N LEU A 531 -31.92 -2.18 36.82
CA LEU A 531 -32.52 -0.98 37.36
C LEU A 531 -31.47 0.07 37.62
N GLN A 532 -31.85 1.34 37.45
CA GLN A 532 -30.97 2.51 37.57
C GLN A 532 -30.10 2.45 38.85
N SER A 533 -30.74 2.13 39.99
CA SER A 533 -30.07 2.07 41.28
C SER A 533 -29.06 0.93 41.41
N GLU A 534 -29.01 0.01 40.46
CA GLU A 534 -27.96 -1.03 40.48
C GLU A 534 -26.59 -0.50 40.05
N PHE A 535 -26.58 0.69 39.47
CA PHE A 535 -25.37 1.29 38.94
C PHE A 535 -24.74 2.23 39.95
N ASP A 536 -23.43 2.14 40.10
CA ASP A 536 -22.70 3.07 40.94
C ASP A 536 -21.56 3.67 40.13
N LEU A 537 -21.90 4.46 39.11
CA LEU A 537 -20.88 4.85 38.14
C LEU A 537 -20.25 6.22 38.37
N GLY A 538 -20.83 6.98 39.30
CA GLY A 538 -20.35 8.32 39.64
C GLY A 538 -20.77 9.28 38.56
N CYS A 539 -21.71 8.86 37.73
CA CYS A 539 -22.20 9.66 36.63
C CYS A 539 -23.46 10.36 37.08
N THR A 540 -23.73 11.49 36.44
CA THR A 540 -24.93 12.29 36.67
C THR A 540 -25.48 12.76 35.33
N CYS A 541 -26.80 12.87 35.26
CA CYS A 541 -27.46 13.47 34.10
C CYS A 541 -28.77 14.17 34.47
N ASP A 542 -28.96 15.37 33.91
CA ASP A 542 -30.19 16.11 34.03
C ASP A 542 -31.26 15.54 33.07
N ASP A 543 -31.77 14.34 33.36
CA ASP A 543 -32.62 13.62 32.40
C ASP A 543 -34.08 13.31 32.78
N LYS A 544 -34.40 13.25 34.07
CA LYS A 544 -35.75 12.85 34.54
C LYS A 544 -36.84 13.94 34.37
N VAL A 545 -37.09 14.31 33.11
CA VAL A 545 -38.19 15.22 32.73
C VAL A 545 -39.14 14.41 31.81
N GLU A 546 -39.92 13.51 32.45
CA GLU A 546 -40.77 12.53 31.76
C GLU A 546 -41.95 13.18 31.01
N ASN A 549 -47.34 10.26 27.22
CA ASN A 549 -48.01 9.91 25.98
C ASN A 549 -47.70 8.47 25.56
N LYS A 550 -48.75 7.66 25.44
CA LYS A 550 -48.64 6.25 24.99
C LYS A 550 -48.33 6.07 23.50
N LEU A 551 -48.64 7.09 22.69
CA LEU A 551 -48.31 7.16 21.25
C LEU A 551 -46.79 7.06 21.00
N GLU A 552 -46.04 7.80 21.83
CA GLU A 552 -44.60 7.98 21.71
C GLU A 552 -43.80 7.00 22.59
N GLU A 553 -44.47 5.94 23.05
CA GLU A 553 -43.87 5.00 24.02
C GLU A 553 -43.58 3.58 23.52
N LEU A 554 -44.44 3.05 22.63
CA LEU A 554 -44.10 1.82 21.88
C LEU A 554 -43.12 2.17 20.76
N ASN A 555 -43.27 3.39 20.24
CA ASN A 555 -42.36 3.99 19.25
C ASN A 555 -40.88 4.03 19.72
N LYS A 556 -40.66 4.47 20.97
CA LYS A 556 -39.32 4.45 21.61
C LYS A 556 -38.77 3.02 21.78
N ARG A 557 -39.67 2.09 22.16
CA ARG A 557 -39.35 0.65 22.29
C ARG A 557 -38.99 0.00 20.96
N LEU A 558 -39.66 0.40 19.86
CA LEU A 558 -39.35 -0.08 18.50
C LEU A 558 -37.91 0.29 18.08
N HIS A 559 -37.45 1.46 18.51
CA HIS A 559 -36.09 1.96 18.25
C HIS A 559 -35.01 1.15 18.98
N THR A 560 -35.28 0.81 20.24
CA THR A 560 -34.40 -0.07 21.05
C THR A 560 -34.42 -1.54 20.53
N LYS A 561 -35.46 -1.91 19.78
CA LYS A 561 -35.62 -3.26 19.18
C LYS A 561 -35.13 -3.35 17.73
N GLY A 562 -34.91 -2.18 17.11
CA GLY A 562 -34.28 -2.08 15.80
C GLY A 562 -35.18 -1.72 14.63
N SER A 563 -36.11 -0.79 14.83
CA SER A 563 -36.99 -0.33 13.74
C SER A 563 -36.24 0.55 12.71
N THR A 564 -35.38 1.44 13.21
CA THR A 564 -34.57 2.34 12.37
C THR A 564 -33.21 1.74 11.98
N LYS A 565 -33.03 0.44 12.19
CA LYS A 565 -31.72 -0.18 11.94
C LYS A 565 -31.33 -0.22 10.47
N GLU A 566 -32.32 -0.28 9.56
CA GLU A 566 -32.08 -0.32 8.10
C GLU A 566 -31.65 1.05 7.58
N ARG A 567 -31.96 2.08 8.36
CA ARG A 567 -31.57 3.43 8.10
C ARG A 567 -30.07 3.59 8.41
N HIS A 568 -29.67 3.10 9.58
CA HIS A 568 -28.36 3.40 10.17
C HIS A 568 -27.29 2.34 10.00
N LEU A 569 -27.73 1.14 9.63
CA LEU A 569 -26.83 0.04 9.37
C LEU A 569 -27.04 -0.44 7.94
N LEU A 570 -26.28 0.14 7.01
CA LEU A 570 -26.64 0.02 5.59
C LEU A 570 -26.09 -1.19 4.84
N TYR A 571 -25.04 -1.80 5.37
CA TYR A 571 -24.32 -2.85 4.68
C TYR A 571 -24.18 -4.08 5.60
N GLY A 572 -25.10 -4.16 6.55
CA GLY A 572 -25.19 -5.29 7.48
C GLY A 572 -24.33 -4.97 8.68
N ARG A 573 -24.46 -5.78 9.72
CA ARG A 573 -23.53 -5.61 10.82
C ARG A 573 -22.14 -6.15 10.45
N PRO A 574 -21.07 -5.50 10.96
CA PRO A 574 -19.73 -6.04 10.69
C PRO A 574 -19.59 -7.38 11.37
N ALA A 575 -18.88 -8.32 10.73
CA ALA A 575 -18.61 -9.61 11.34
C ALA A 575 -17.38 -9.50 12.21
N VAL A 576 -17.50 -9.99 13.44
CA VAL A 576 -16.40 -10.05 14.39
C VAL A 576 -15.66 -11.37 14.11
N LEU A 577 -14.39 -11.23 13.73
CA LEU A 577 -13.60 -12.37 13.25
C LEU A 577 -12.69 -12.99 14.30
N TYR A 578 -12.99 -12.73 15.57
CA TYR A 578 -12.26 -13.36 16.67
C TYR A 578 -13.25 -13.66 17.80
N ARG A 579 -12.76 -14.39 18.80
CA ARG A 579 -13.61 -14.88 19.89
C ARG A 579 -13.71 -13.79 20.94
N THR A 580 -14.93 -13.34 21.23
CA THR A 580 -15.17 -12.22 22.16
C THR A 580 -16.63 -12.20 22.63
N SER A 581 -16.94 -11.32 23.59
CA SER A 581 -18.31 -11.14 24.06
CA SER A 581 -18.32 -11.13 24.05
C SER A 581 -18.81 -9.72 23.77
N TYR A 582 -19.85 -9.62 22.96
CA TYR A 582 -20.33 -8.29 22.59
C TYR A 582 -21.84 -8.25 22.40
N ASP A 583 -22.40 -7.04 22.55
CA ASP A 583 -23.84 -6.81 22.49
C ASP A 583 -24.19 -5.88 21.33
N ILE A 584 -25.19 -6.23 20.52
CA ILE A 584 -25.77 -5.23 19.60
C ILE A 584 -26.69 -4.30 20.39
N LEU A 585 -26.47 -2.99 20.23
CA LEU A 585 -27.30 -1.98 20.90
C LEU A 585 -27.93 -1.07 19.85
N TYR A 586 -29.26 -1.03 19.86
CA TYR A 586 -30.07 -0.28 18.90
C TYR A 586 -30.54 1.02 19.51
N HIS A 587 -30.52 2.10 18.73
CA HIS A 587 -31.08 3.38 19.16
C HIS A 587 -31.71 4.04 17.95
N THR A 588 -32.56 5.03 18.20
CA THR A 588 -33.18 5.84 17.15
C THR A 588 -32.16 6.26 16.09
N ASP A 589 -31.00 6.77 16.53
CA ASP A 589 -30.05 7.43 15.63
C ASP A 589 -28.84 6.62 15.25
N PHE A 590 -28.60 5.52 15.96
CA PHE A 590 -27.40 4.75 15.75
C PHE A 590 -27.50 3.36 16.35
N GLU A 591 -26.67 2.48 15.82
CA GLU A 591 -26.53 1.11 16.26
CA GLU A 591 -26.55 1.10 16.30
C GLU A 591 -25.07 0.85 16.61
N SER A 592 -24.84 0.04 17.63
CA SER A 592 -23.47 -0.28 17.99
C SER A 592 -23.22 -1.74 18.33
N GLY A 593 -21.94 -2.09 18.26
CA GLY A 593 -21.47 -3.40 18.65
C GLY A 593 -20.64 -3.19 19.91
N TYR A 594 -21.25 -3.47 21.06
CA TYR A 594 -20.64 -3.14 22.35
C TYR A 594 -19.87 -4.30 22.99
N SER A 595 -18.57 -4.06 23.20
CA SER A 595 -17.67 -5.07 23.73
C SER A 595 -17.63 -5.05 25.26
N GLU A 596 -18.06 -6.16 25.85
CA GLU A 596 -18.08 -6.35 27.29
C GLU A 596 -16.66 -6.51 27.85
N ILE A 597 -15.74 -6.87 26.98
CA ILE A 597 -14.35 -7.09 27.34
C ILE A 597 -13.59 -5.75 27.36
N PHE A 598 -13.71 -4.98 26.28
CA PHE A 598 -13.04 -3.69 26.18
C PHE A 598 -13.85 -2.54 26.77
N LEU A 599 -15.09 -2.83 27.21
CA LEU A 599 -15.95 -1.84 27.87
C LEU A 599 -16.33 -0.64 26.98
N MET A 600 -16.40 -0.87 25.67
CA MET A 600 -16.72 0.19 24.73
C MET A 600 -17.13 -0.42 23.41
N PRO A 601 -17.73 0.37 22.49
CA PRO A 601 -18.08 -0.27 21.22
C PRO A 601 -16.85 -0.59 20.38
N LEU A 602 -16.94 -1.67 19.62
CA LEU A 602 -15.97 -1.98 18.58
C LEU A 602 -16.34 -1.17 17.32
N TRP A 603 -17.62 -0.87 17.20
CA TRP A 603 -18.11 -0.08 16.07
C TRP A 603 -19.45 0.55 16.45
N THR A 604 -19.74 1.65 15.76
CA THR A 604 -20.94 2.44 15.93
C THR A 604 -21.27 2.91 14.53
N SER A 605 -22.51 2.66 14.11
CA SER A 605 -22.96 2.90 12.74
C SER A 605 -24.17 3.84 12.71
N TYR A 606 -24.07 4.90 11.89
CA TYR A 606 -25.12 5.88 11.81
C TYR A 606 -25.11 6.56 10.47
N THR A 607 -26.30 6.97 10.03
CA THR A 607 -26.48 7.56 8.72
C THR A 607 -26.96 9.00 8.92
N ILE A 608 -26.32 9.91 8.21
CA ILE A 608 -26.62 11.34 8.22
C ILE A 608 -26.93 11.69 6.77
N SER A 609 -28.19 12.00 6.51
CA SER A 609 -28.66 12.38 5.17
C SER A 609 -28.27 13.83 4.87
N LYS A 610 -28.41 14.23 3.60
CA LYS A 610 -28.10 15.60 3.14
C LYS A 610 -28.89 16.68 3.89
N GLN A 611 -30.10 16.34 4.33
CA GLN A 611 -31.04 17.30 4.94
C GLN A 611 -30.92 17.49 6.45
N ALA A 612 -30.14 16.65 7.12
CA ALA A 612 -30.10 16.56 8.58
C ALA A 612 -29.48 17.80 9.22
N GLU A 613 -29.84 18.05 10.46
CA GLU A 613 -29.48 19.31 11.12
C GLU A 613 -28.51 19.11 12.28
N VAL A 614 -27.56 20.03 12.39
CA VAL A 614 -26.61 20.05 13.51
C VAL A 614 -27.21 20.91 14.61
N SER A 615 -27.30 20.34 15.81
CA SER A 615 -27.74 21.07 17.00
C SER A 615 -26.61 21.08 18.02
N SER A 616 -26.81 21.79 19.14
CA SER A 616 -25.78 21.87 20.20
C SER A 616 -25.99 20.84 21.32
N ILE A 617 -25.00 20.71 22.21
CA ILE A 617 -25.16 19.98 23.47
C ILE A 617 -25.69 21.00 24.48
N PRO A 618 -26.99 20.89 24.85
CA PRO A 618 -27.62 21.86 25.76
C PRO A 618 -26.83 22.05 27.04
N GLU A 619 -26.92 23.24 27.62
CA GLU A 619 -26.21 23.61 28.84
C GLU A 619 -26.42 22.60 29.98
N HIS A 620 -27.66 22.18 30.20
CA HIS A 620 -27.99 21.26 31.30
C HIS A 620 -27.45 19.81 31.10
N LEU A 621 -27.10 19.46 29.86
CA LEU A 621 -26.61 18.12 29.48
C LEU A 621 -25.11 18.07 29.13
N THR A 622 -24.37 19.12 29.51
CA THR A 622 -22.94 19.25 29.20
C THR A 622 -22.14 18.03 29.71
N ASN A 623 -22.31 17.69 30.99
CA ASN A 623 -21.57 16.62 31.67
C ASN A 623 -22.40 15.36 31.89
N CYS A 624 -23.50 15.25 31.14
CA CYS A 624 -24.42 14.14 31.28
C CYS A 624 -23.81 12.83 30.77
N VAL A 625 -23.80 11.81 31.63
CA VAL A 625 -23.51 10.44 31.23
C VAL A 625 -24.54 9.54 31.92
N ARG A 626 -25.17 8.65 31.16
CA ARG A 626 -26.32 7.87 31.60
C ARG A 626 -26.01 6.37 31.61
N PRO A 627 -26.31 5.66 32.73
CA PRO A 627 -26.28 4.20 32.75
C PRO A 627 -27.12 3.57 31.65
N ASP A 628 -26.64 2.49 31.06
CA ASP A 628 -27.40 1.78 30.02
C ASP A 628 -28.07 0.55 30.65
N VAL A 629 -29.39 0.61 30.80
CA VAL A 629 -30.12 -0.44 31.51
C VAL A 629 -30.09 -1.82 30.83
N ARG A 630 -29.55 -1.87 29.61
CA ARG A 630 -29.34 -3.13 28.90
C ARG A 630 -28.01 -3.81 29.25
N VAL A 631 -27.09 -3.10 29.90
CA VAL A 631 -25.70 -3.58 30.12
C VAL A 631 -25.34 -3.45 31.58
N SER A 632 -24.77 -4.52 32.16
CA SER A 632 -24.49 -4.62 33.61
C SER A 632 -23.52 -3.55 34.11
N PRO A 633 -23.66 -3.12 35.39
CA PRO A 633 -22.65 -2.27 36.05
C PRO A 633 -21.22 -2.78 35.77
N GLY A 634 -21.03 -4.10 35.93
CA GLY A 634 -19.73 -4.74 35.82
C GLY A 634 -19.11 -4.75 34.43
N PHE A 635 -19.93 -4.53 33.40
CA PHE A 635 -19.46 -4.43 32.02
C PHE A 635 -19.55 -3.01 31.45
N SER A 636 -19.58 -2.02 32.34
CA SER A 636 -19.76 -0.61 31.98
C SER A 636 -18.54 0.20 32.41
N GLN A 637 -18.23 1.23 31.65
CA GLN A 637 -17.30 2.26 32.09
C GLN A 637 -17.87 3.00 33.31
N ASN A 638 -17.04 3.78 33.98
CA ASN A 638 -17.51 4.64 35.08
C ASN A 638 -16.93 6.07 34.99
N CYS A 639 -17.72 7.05 35.44
CA CYS A 639 -17.32 8.46 35.38
C CYS A 639 -16.25 8.82 36.39
N LEU A 640 -16.19 8.09 37.50
CA LEU A 640 -15.22 8.37 38.55
C LEU A 640 -13.78 8.26 38.05
N ALA A 641 -13.55 7.23 37.24
CA ALA A 641 -12.25 6.94 36.63
C ALA A 641 -11.75 8.14 35.82
N TYR A 642 -12.64 8.75 35.04
CA TYR A 642 -12.30 9.95 34.28
C TYR A 642 -12.06 11.19 35.14
N LYS A 643 -12.78 11.29 36.26
CA LYS A 643 -12.57 12.36 37.21
C LYS A 643 -11.16 12.25 37.81
N ASN A 644 -10.79 11.03 38.23
CA ASN A 644 -9.50 10.78 38.86
C ASN A 644 -8.30 10.87 37.91
N ASP A 645 -8.54 10.59 36.63
CA ASP A 645 -7.49 10.72 35.62
C ASP A 645 -7.44 12.14 35.08
N LYS A 646 -6.40 12.85 35.49
CA LYS A 646 -6.19 14.25 35.08
C LYS A 646 -5.78 14.41 33.61
N GLN A 647 -5.20 13.37 33.01
CA GLN A 647 -4.85 13.40 31.58
C GLN A 647 -6.02 13.02 30.68
N MET A 648 -6.91 12.17 31.17
CA MET A 648 -7.87 11.49 30.32
C MET A 648 -9.29 12.02 30.49
N SER A 649 -9.86 12.51 29.40
CA SER A 649 -11.27 12.92 29.35
C SER A 649 -12.06 11.87 28.56
N TYR A 650 -13.23 12.21 28.03
CA TYR A 650 -13.97 11.24 27.24
C TYR A 650 -14.71 11.92 26.13
N GLY A 651 -15.09 11.15 25.13
CA GLY A 651 -15.86 11.61 24.01
C GLY A 651 -16.89 10.53 23.68
N PHE A 652 -17.62 10.77 22.61
CA PHE A 652 -18.71 9.93 22.27
C PHE A 652 -18.56 9.44 20.85
N LEU A 653 -18.96 8.19 20.60
CA LEU A 653 -18.81 7.63 19.25
C LEU A 653 -19.89 8.10 18.31
N PHE A 654 -21.17 7.92 18.68
CA PHE A 654 -22.21 8.64 17.96
C PHE A 654 -22.21 10.08 18.47
N PRO A 655 -22.18 11.09 17.57
CA PRO A 655 -22.11 12.50 18.02
C PRO A 655 -23.46 13.07 18.51
N PRO A 656 -23.53 13.59 19.74
CA PRO A 656 -24.75 14.28 20.21
C PRO A 656 -25.26 15.41 19.28
N TYR A 657 -24.33 16.11 18.62
CA TYR A 657 -24.62 17.18 17.67
C TYR A 657 -25.55 16.77 16.53
N LEU A 658 -25.71 15.47 16.31
CA LEU A 658 -26.45 14.96 15.17
C LEU A 658 -27.65 14.10 15.53
N SER A 659 -28.04 14.13 16.81
CA SER A 659 -29.34 13.67 17.24
C SER A 659 -30.46 14.26 16.36
N SER A 660 -31.43 13.41 16.03
CA SER A 660 -32.58 13.76 15.18
C SER A 660 -33.66 14.54 15.94
N SER A 661 -33.61 14.46 17.26
CA SER A 661 -34.60 15.07 18.12
C SER A 661 -33.99 15.28 19.52
N PRO A 662 -34.45 16.32 20.24
CA PRO A 662 -34.05 16.56 21.62
C PRO A 662 -34.14 15.32 22.52
N GLU A 663 -35.14 14.48 22.27
CA GLU A 663 -35.35 13.27 23.06
C GLU A 663 -34.38 12.14 22.66
N ALA A 664 -34.13 11.99 21.36
CA ALA A 664 -33.13 11.04 20.86
C ALA A 664 -31.73 11.41 21.32
N LYS A 665 -31.48 12.70 21.58
CA LYS A 665 -30.19 13.19 22.08
C LYS A 665 -29.75 12.53 23.37
N TYR A 666 -30.72 12.14 24.22
CA TYR A 666 -30.41 11.39 25.46
C TYR A 666 -29.68 10.08 25.20
N ASP A 667 -29.97 9.42 24.08
CA ASP A 667 -29.32 8.14 23.74
C ASP A 667 -27.81 8.35 23.53
N ALA A 668 -27.43 9.51 23.00
CA ALA A 668 -26.01 9.77 22.69
C ALA A 668 -25.15 9.88 23.95
N PHE A 669 -25.79 10.13 25.09
CA PHE A 669 -25.10 10.27 26.37
C PHE A 669 -25.04 9.00 27.21
N LEU A 670 -25.46 7.88 26.63
CA LEU A 670 -25.32 6.57 27.33
C LEU A 670 -23.86 6.28 27.59
N VAL A 671 -23.59 5.67 28.73
CA VAL A 671 -22.26 5.18 29.11
C VAL A 671 -21.71 4.19 28.06
N THR A 672 -22.61 3.52 27.35
CA THR A 672 -22.20 2.59 26.31
C THR A 672 -21.71 3.24 24.99
N ASN A 673 -21.85 4.57 24.86
CA ASN A 673 -21.42 5.33 23.67
C ASN A 673 -20.16 6.16 23.99
N MET A 674 -19.68 6.08 25.23
CA MET A 674 -18.53 6.85 25.74
CA MET A 674 -18.52 6.87 25.68
C MET A 674 -17.20 6.12 25.45
N VAL A 675 -16.16 6.88 25.09
CA VAL A 675 -14.81 6.34 24.83
C VAL A 675 -13.77 7.28 25.44
N PRO A 676 -12.59 6.74 25.85
CA PRO A 676 -11.60 7.64 26.46
C PRO A 676 -10.90 8.51 25.42
N MET A 677 -10.78 9.80 25.73
CA MET A 677 -10.13 10.76 24.82
C MET A 677 -9.34 11.79 25.60
N TYR A 678 -8.08 11.96 25.17
CA TYR A 678 -7.25 13.10 25.58
C TYR A 678 -7.93 14.40 25.20
N PRO A 679 -7.86 15.42 26.09
CA PRO A 679 -8.35 16.78 25.78
C PRO A 679 -7.84 17.29 24.42
N ALA A 680 -6.57 17.04 24.11
CA ALA A 680 -6.00 17.52 22.85
C ALA A 680 -6.66 16.81 21.67
N PHE A 681 -6.88 15.50 21.79
CA PHE A 681 -7.58 14.75 20.75
C PHE A 681 -9.04 15.16 20.61
N LYS A 682 -9.68 15.55 21.73
CA LYS A 682 -11.08 15.98 21.68
C LYS A 682 -11.33 17.19 20.78
N ARG A 683 -10.35 18.10 20.70
CA ARG A 683 -10.39 19.20 19.72
C ARG A 683 -10.57 18.66 18.30
N VAL A 684 -9.79 17.61 17.97
CA VAL A 684 -9.88 16.96 16.66
C VAL A 684 -11.25 16.30 16.44
N TRP A 685 -11.66 15.46 17.40
CA TRP A 685 -12.87 14.65 17.30
C TRP A 685 -14.13 15.49 17.25
N ALA A 686 -14.21 16.49 18.14
CA ALA A 686 -15.35 17.39 18.22
C ALA A 686 -15.53 18.23 16.96
N TYR A 687 -14.42 18.53 16.26
CA TYR A 687 -14.55 19.29 15.01
C TYR A 687 -15.03 18.38 13.89
N PHE A 688 -14.46 17.16 13.84
CA PHE A 688 -14.89 16.14 12.89
C PHE A 688 -16.38 15.86 13.05
N GLN A 689 -16.80 15.68 14.29
CA GLN A 689 -18.20 15.33 14.60
C GLN A 689 -19.17 16.50 14.34
N ARG A 690 -18.79 17.70 14.79
CA ARG A 690 -19.68 18.86 14.71
C ARG A 690 -19.76 19.48 13.32
N VAL A 691 -18.63 19.56 12.61
CA VAL A 691 -18.55 20.28 11.33
C VAL A 691 -18.41 19.30 10.15
N LEU A 692 -17.42 18.41 10.19
CA LEU A 692 -17.06 17.64 9.00
C LEU A 692 -18.08 16.60 8.55
N VAL A 693 -18.71 15.91 9.49
CA VAL A 693 -19.70 14.88 9.11
C VAL A 693 -20.83 15.52 8.30
N LYS A 694 -21.31 16.67 8.78
CA LYS A 694 -22.34 17.45 8.09
C LYS A 694 -21.85 17.94 6.73
N LYS A 695 -20.61 18.39 6.66
CA LYS A 695 -20.03 18.83 5.39
C LYS A 695 -19.99 17.67 4.39
N TYR A 696 -19.58 16.48 4.85
CA TYR A 696 -19.53 15.30 3.96
C TYR A 696 -20.92 14.87 3.53
N ALA A 697 -21.89 14.88 4.45
CA ALA A 697 -23.27 14.57 4.08
C ALA A 697 -23.82 15.57 3.05
N SER A 698 -23.50 16.85 3.19
CA SER A 698 -23.92 17.89 2.25
CA SER A 698 -23.96 17.86 2.23
CA SER A 698 -23.92 17.90 2.25
C SER A 698 -23.32 17.65 0.85
N GLU A 699 -22.00 17.43 0.81
CA GLU A 699 -21.27 17.20 -0.44
C GLU A 699 -21.53 15.86 -1.10
N ARG A 700 -21.86 14.81 -0.33
CA ARG A 700 -21.94 13.46 -0.90
C ARG A 700 -23.37 12.92 -0.95
N ASN A 701 -24.32 13.75 -0.51
CA ASN A 701 -25.75 13.42 -0.48
C ASN A 701 -26.02 12.29 0.53
N GLY A 702 -25.68 12.63 1.77
CA GLY A 702 -25.74 11.68 2.86
C GLY A 702 -24.48 10.84 2.95
N VAL A 703 -24.19 10.46 4.20
CA VAL A 703 -23.09 9.57 4.50
C VAL A 703 -23.55 8.59 5.57
N ASN A 704 -23.02 7.38 5.51
CA ASN A 704 -23.10 6.45 6.59
C ASN A 704 -21.73 6.42 7.28
N VAL A 705 -21.71 6.60 8.59
CA VAL A 705 -20.46 6.62 9.36
C VAL A 705 -20.38 5.40 10.28
N ILE A 706 -19.29 4.66 10.16
CA ILE A 706 -18.90 3.66 11.18
C ILE A 706 -17.63 4.15 11.84
N SER A 707 -17.70 4.31 13.15
CA SER A 707 -16.59 4.85 13.90
C SER A 707 -16.24 3.85 14.98
N GLY A 708 -15.00 3.88 15.45
CA GLY A 708 -14.68 3.07 16.62
C GLY A 708 -13.24 3.24 17.07
N PRO A 709 -12.89 2.60 18.19
CA PRO A 709 -11.55 2.60 18.72
C PRO A 709 -10.67 1.58 17.99
N ILE A 710 -9.36 1.81 18.06
CA ILE A 710 -8.37 0.85 17.58
C ILE A 710 -7.28 0.72 18.64
N PHE A 711 -6.85 -0.51 18.89
CA PHE A 711 -5.75 -0.78 19.83
C PHE A 711 -4.59 -1.47 19.11
N ASP A 712 -3.44 -0.78 19.02
CA ASP A 712 -2.25 -1.32 18.35
C ASP A 712 -0.96 -0.88 19.02
N TYR A 713 -0.87 -1.19 20.32
CA TYR A 713 0.30 -0.91 21.15
C TYR A 713 1.63 -1.45 20.64
N ASN A 714 1.62 -2.59 19.95
CA ASN A 714 2.85 -3.15 19.40
C ASN A 714 3.08 -2.72 17.94
N TYR A 715 2.24 -1.82 17.43
CA TYR A 715 2.38 -1.22 16.07
C TYR A 715 2.66 -2.25 14.94
N ASP A 716 1.92 -3.37 14.97
CA ASP A 716 2.05 -4.41 13.94
C ASP A 716 0.95 -4.29 12.89
N GLY A 717 0.10 -3.27 13.08
CA GLY A 717 -1.02 -2.99 12.18
C GLY A 717 -2.14 -4.03 12.31
N LEU A 718 -2.17 -4.70 13.45
CA LEU A 718 -3.13 -5.79 13.75
C LEU A 718 -3.76 -5.57 15.10
N ARG A 719 -5.03 -5.98 15.22
CA ARG A 719 -5.82 -5.88 16.45
C ARG A 719 -5.04 -6.43 17.66
N ASP A 720 -4.84 -5.62 18.69
CA ASP A 720 -4.23 -6.09 19.95
C ASP A 720 -5.20 -6.99 20.67
N THR A 721 -4.70 -8.04 21.30
CA THR A 721 -5.50 -8.80 22.28
C THR A 721 -5.46 -8.03 23.61
N GLU A 722 -6.38 -8.33 24.53
CA GLU A 722 -6.46 -7.72 25.90
C GLU A 722 -5.12 -7.46 26.58
N ASP A 723 -4.25 -8.46 26.53
CA ASP A 723 -3.04 -8.45 27.32
C ASP A 723 -1.88 -7.76 26.62
N GLU A 724 -2.15 -7.08 25.51
CA GLU A 724 -1.14 -6.24 24.90
C GLU A 724 -1.37 -4.75 25.18
N ILE A 725 -2.50 -4.41 25.78
CA ILE A 725 -2.83 -3.02 26.13
C ILE A 725 -1.87 -2.47 27.18
N LYS A 726 -1.18 -1.38 26.83
CA LYS A 726 -0.22 -0.75 27.74
C LYS A 726 -0.79 0.40 28.59
N GLN A 727 -1.96 0.93 28.23
CA GLN A 727 -2.56 2.06 28.97
C GLN A 727 -4.05 1.89 29.23
N TYR A 728 -4.43 2.18 30.48
CA TYR A 728 -5.83 2.17 30.91
C TYR A 728 -6.12 3.53 31.51
N VAL A 729 -7.41 3.87 31.59
CA VAL A 729 -7.86 5.06 32.33
C VAL A 729 -7.54 4.77 33.81
N GLU A 730 -6.87 5.73 34.46
CA GLU A 730 -6.31 5.54 35.80
C GLU A 730 -7.28 4.86 36.79
N GLY A 731 -6.86 3.71 37.33
CA GLY A 731 -7.62 2.97 38.35
C GLY A 731 -8.73 2.07 37.84
N SER A 732 -8.83 1.94 36.51
CA SER A 732 -9.92 1.21 35.87
C SER A 732 -9.38 0.14 34.97
N SER A 733 -10.30 -0.67 34.45
CA SER A 733 -10.06 -1.61 33.36
C SER A 733 -10.51 -1.06 32.01
N ILE A 734 -10.63 0.26 31.89
CA ILE A 734 -11.04 0.88 30.62
C ILE A 734 -9.77 1.08 29.80
N PRO A 735 -9.61 0.32 28.69
CA PRO A 735 -8.39 0.41 27.89
C PRO A 735 -8.39 1.66 27.04
N VAL A 736 -7.22 2.20 26.72
CA VAL A 736 -7.11 3.47 25.98
C VAL A 736 -6.75 3.16 24.55
N PRO A 737 -7.61 3.57 23.58
CA PRO A 737 -7.25 3.35 22.16
C PRO A 737 -5.99 4.11 21.75
N THR A 738 -5.23 3.52 20.81
CA THR A 738 -4.10 4.19 20.18
C THR A 738 -4.59 5.04 19.03
N HIS A 739 -5.72 4.65 18.41
CA HIS A 739 -6.25 5.38 17.27
C HIS A 739 -7.76 5.35 17.28
N TYR A 740 -8.38 6.31 16.60
CA TYR A 740 -9.81 6.23 16.32
C TYR A 740 -10.07 6.23 14.84
N TYR A 741 -10.93 5.33 14.38
CA TYR A 741 -11.23 5.20 12.95
C TYR A 741 -12.61 5.74 12.59
N SER A 742 -12.77 6.11 11.33
CA SER A 742 -14.09 6.19 10.75
C SER A 742 -14.08 5.72 9.29
N ILE A 743 -15.16 5.02 8.93
CA ILE A 743 -15.46 4.62 7.55
C ILE A 743 -16.70 5.39 7.07
N ILE A 744 -16.52 6.22 6.04
CA ILE A 744 -17.60 7.09 5.59
C ILE A 744 -18.00 6.70 4.17
N THR A 745 -19.17 6.09 4.08
CA THR A 745 -19.68 5.49 2.83
C THR A 745 -20.88 6.31 2.30
N SER A 746 -20.95 6.37 0.98
CA SER A 746 -22.04 6.99 0.25
C SER A 746 -22.20 6.28 -1.10
N CYS A 747 -23.23 6.70 -1.85
CA CYS A 747 -23.47 6.24 -3.21
C CYS A 747 -22.52 6.88 -4.20
N LEU A 748 -21.81 6.07 -4.98
CA LEU A 748 -20.88 6.58 -5.99
C LEU A 748 -21.59 7.57 -6.95
N ASP A 749 -22.81 7.22 -7.38
CA ASP A 749 -23.69 8.14 -8.09
C ASP A 749 -24.38 9.01 -7.03
N PHE A 750 -23.84 10.22 -6.84
CA PHE A 750 -24.28 11.11 -5.75
C PHE A 750 -25.66 11.77 -5.95
N THR A 751 -26.32 11.45 -7.06
CA THR A 751 -27.70 11.89 -7.30
C THR A 751 -28.64 11.04 -6.46
N GLN A 752 -28.21 9.84 -6.09
CA GLN A 752 -28.94 9.02 -5.13
C GLN A 752 -28.40 9.28 -3.71
N PRO A 753 -29.30 9.38 -2.71
CA PRO A 753 -28.82 9.53 -1.33
C PRO A 753 -28.16 8.26 -0.81
N ALA A 754 -27.26 8.40 0.16
CA ALA A 754 -26.58 7.26 0.79
C ALA A 754 -27.54 6.14 1.22
N ASP A 755 -28.71 6.50 1.73
CA ASP A 755 -29.61 5.49 2.27
C ASP A 755 -30.54 4.84 1.25
N LYS A 756 -30.52 5.35 0.01
CA LYS A 756 -31.21 4.72 -1.13
C LYS A 756 -30.31 4.67 -2.36
N CYS A 757 -29.42 3.68 -2.40
CA CYS A 757 -28.38 3.64 -3.41
C CYS A 757 -28.35 2.27 -4.05
N ASP A 758 -28.55 2.24 -5.37
CA ASP A 758 -28.81 1.00 -6.08
C ASP A 758 -27.55 0.37 -6.66
N GLY A 759 -26.57 1.21 -7.00
CA GLY A 759 -25.32 0.74 -7.59
C GLY A 759 -24.08 0.77 -6.70
N PRO A 760 -22.90 1.04 -7.30
CA PRO A 760 -21.63 1.03 -6.54
C PRO A 760 -21.53 2.10 -5.45
N LEU A 761 -20.64 1.89 -4.50
CA LEU A 761 -20.48 2.78 -3.35
C LEU A 761 -19.25 3.62 -3.48
N SER A 762 -19.20 4.70 -2.72
CA SER A 762 -17.99 5.51 -2.59
C SER A 762 -17.58 5.55 -1.13
N VAL A 763 -16.29 5.39 -0.84
CA VAL A 763 -15.84 5.38 0.55
C VAL A 763 -14.60 6.23 0.76
N SER A 764 -14.52 6.88 1.91
CA SER A 764 -13.25 7.35 2.43
C SER A 764 -13.20 7.07 3.95
N SER A 765 -12.00 6.83 4.44
CA SER A 765 -11.79 6.43 5.82
C SER A 765 -10.52 7.05 6.35
N PHE A 766 -10.41 7.06 7.67
CA PHE A 766 -9.20 7.53 8.29
C PHE A 766 -8.92 6.74 9.56
N ILE A 767 -7.68 6.79 10.01
CA ILE A 767 -7.30 6.22 11.29
C ILE A 767 -6.51 7.32 12.00
N LEU A 768 -7.20 8.05 12.86
CA LEU A 768 -6.60 9.15 13.59
C LEU A 768 -5.82 8.65 14.81
N PRO A 769 -4.54 9.06 14.95
CA PRO A 769 -3.77 8.67 16.16
C PRO A 769 -4.30 9.36 17.42
N HIS A 770 -4.48 8.60 18.49
CA HIS A 770 -5.07 9.15 19.71
C HIS A 770 -3.96 9.72 20.59
N ARG A 771 -3.64 10.98 20.38
CA ARG A 771 -2.43 11.55 20.98
C ARG A 771 -2.73 12.63 22.06
N PRO A 772 -1.91 12.70 23.13
CA PRO A 772 -2.20 13.63 24.21
C PRO A 772 -1.82 15.07 23.91
N ASP A 773 -1.22 15.29 22.73
CA ASP A 773 -0.87 16.61 22.25
C ASP A 773 -1.15 16.65 20.75
N ASN A 774 -1.20 17.86 20.22
CA ASN A 774 -1.32 18.09 18.80
C ASN A 774 0.01 18.56 18.19
N ASP A 775 1.14 18.02 18.67
CA ASP A 775 2.45 18.45 18.15
C ASP A 775 2.64 18.18 16.66
N GLU A 776 1.98 17.14 16.15
CA GLU A 776 1.93 16.84 14.72
C GLU A 776 1.43 18.02 13.86
N SER A 777 0.46 18.78 14.36
CA SER A 777 -0.08 19.89 13.58
C SER A 777 0.54 21.21 14.06
N CYS A 778 1.41 21.77 13.23
CA CYS A 778 2.18 22.97 13.57
C CYS A 778 1.30 24.21 13.75
N ASN A 779 0.12 24.20 13.14
CA ASN A 779 -0.84 25.30 13.24
CA ASN A 779 -0.85 25.29 13.23
C ASN A 779 -2.01 25.06 14.22
N SER A 780 -1.86 24.09 15.13
CA SER A 780 -2.96 23.72 16.03
C SER A 780 -3.40 24.73 17.08
N SER A 781 -2.59 25.77 17.35
CA SER A 781 -3.01 26.86 18.25
CA SER A 781 -3.00 26.87 18.24
C SER A 781 -4.08 27.71 17.57
N GLU A 782 -4.27 27.50 16.27
CA GLU A 782 -5.29 28.20 15.52
C GLU A 782 -6.60 27.44 15.59
N ASP A 783 -7.61 27.96 14.89
CA ASP A 783 -8.93 27.35 14.85
C ASP A 783 -8.86 26.00 14.15
N GLU A 784 -9.54 25.02 14.75
CA GLU A 784 -9.70 23.68 14.17
C GLU A 784 -9.92 23.67 12.64
N SER A 785 -10.65 24.66 12.14
CA SER A 785 -10.88 24.84 10.69
C SER A 785 -9.61 25.14 9.87
N LYS A 786 -8.50 25.40 10.56
CA LYS A 786 -7.22 25.64 9.87
C LYS A 786 -6.27 24.45 9.85
N TRP A 787 -6.57 23.38 10.58
CA TRP A 787 -5.62 22.29 10.73
C TRP A 787 -6.24 20.91 10.89
N VAL A 788 -7.49 20.83 11.37
CA VAL A 788 -8.07 19.52 11.70
C VAL A 788 -8.27 18.65 10.45
N GLU A 789 -8.90 19.21 9.42
CA GLU A 789 -9.14 18.45 8.20
C GLU A 789 -7.85 17.98 7.51
N GLU A 790 -6.83 18.84 7.51
CA GLU A 790 -5.51 18.52 6.94
C GLU A 790 -4.89 17.27 7.61
N LEU A 791 -4.98 17.21 8.93
CA LEU A 791 -4.52 16.07 9.72
C LEU A 791 -5.25 14.77 9.37
N MET A 792 -6.56 14.84 9.29
CA MET A 792 -7.36 13.70 8.88
C MET A 792 -6.97 13.17 7.51
N LYS A 793 -6.73 14.11 6.58
CA LYS A 793 -6.25 13.80 5.23
C LYS A 793 -4.95 13.00 5.27
N MET A 794 -4.00 13.45 6.10
CA MET A 794 -2.72 12.78 6.29
CA MET A 794 -2.73 12.77 6.28
C MET A 794 -2.95 11.36 6.78
N HIS A 795 -3.97 11.18 7.60
CA HIS A 795 -4.23 9.90 8.20
C HIS A 795 -5.38 9.15 7.52
N THR A 796 -5.62 9.47 6.24
CA THR A 796 -6.49 8.67 5.37
C THR A 796 -6.07 7.20 5.39
N ALA A 797 -7.02 6.30 5.12
CA ALA A 797 -6.86 4.85 5.34
C ALA A 797 -7.74 4.01 4.40
N ARG A 798 -7.33 2.80 4.08
CA ARG A 798 -8.21 1.86 3.36
C ARG A 798 -9.04 1.18 4.42
N VAL A 799 -10.30 0.84 4.09
CA VAL A 799 -11.14 -0.01 4.99
C VAL A 799 -10.39 -1.27 5.42
N ARG A 800 -9.66 -1.86 4.49
CA ARG A 800 -8.80 -3.01 4.76
C ARG A 800 -7.84 -2.78 5.93
N ASP A 801 -7.22 -1.59 5.99
CA ASP A 801 -6.32 -1.25 7.10
C ASP A 801 -7.07 -1.34 8.41
N ILE A 802 -8.28 -0.79 8.41
CA ILE A 802 -9.16 -0.77 9.58
C ILE A 802 -9.56 -2.19 9.98
N GLU A 803 -9.74 -3.07 9.00
CA GLU A 803 -10.15 -4.47 9.26
C GLU A 803 -9.07 -5.24 10.00
N HIS A 804 -7.82 -5.06 9.57
CA HIS A 804 -6.66 -5.71 10.18
C HIS A 804 -6.54 -5.21 11.61
N LEU A 805 -6.65 -3.90 11.77
CA LEU A 805 -6.62 -3.27 13.09
C LEU A 805 -7.77 -3.59 14.06
N THR A 806 -8.87 -4.15 13.56
CA THR A 806 -10.06 -4.36 14.40
C THR A 806 -10.50 -5.82 14.49
N GLY A 807 -10.10 -6.64 13.51
CA GLY A 807 -10.67 -7.99 13.40
C GLY A 807 -12.15 -7.92 13.03
N LEU A 808 -12.57 -6.81 12.42
CA LEU A 808 -13.94 -6.68 11.91
C LEU A 808 -13.97 -6.87 10.43
N ASP A 809 -15.12 -7.29 9.91
CA ASP A 809 -15.27 -7.44 8.48
C ASP A 809 -16.53 -6.72 8.05
N PHE A 810 -16.32 -5.67 7.25
CA PHE A 810 -17.36 -4.71 6.85
C PHE A 810 -18.00 -5.08 5.52
N TYR A 811 -19.09 -4.37 5.19
CA TYR A 811 -19.85 -4.53 3.94
C TYR A 811 -20.34 -5.94 3.66
N ARG A 812 -20.85 -6.61 4.70
CA ARG A 812 -21.31 -7.99 4.59
C ARG A 812 -22.57 -8.18 3.80
N LYS A 813 -23.45 -7.17 3.81
CA LYS A 813 -24.75 -7.23 3.12
C LYS A 813 -24.93 -6.07 2.16
N THR A 814 -24.51 -6.27 0.93
CA THR A 814 -24.76 -5.29 -0.12
C THR A 814 -25.40 -6.00 -1.31
N SER A 815 -25.91 -5.20 -2.24
CA SER A 815 -26.33 -5.69 -3.53
C SER A 815 -25.14 -5.89 -4.50
N ARG A 816 -23.90 -5.64 -4.04
CA ARG A 816 -22.72 -5.63 -4.93
C ARG A 816 -21.96 -6.96 -4.93
N SER A 817 -21.25 -7.27 -6.02
CA SER A 817 -20.39 -8.47 -6.03
C SER A 817 -19.24 -8.37 -5.02
N TYR A 818 -18.78 -9.51 -4.53
CA TYR A 818 -17.76 -9.55 -3.50
C TYR A 818 -16.43 -9.02 -3.99
N SER A 819 -16.09 -9.31 -5.27
CA SER A 819 -14.87 -8.79 -5.87
CA SER A 819 -14.87 -8.80 -5.88
C SER A 819 -14.90 -7.28 -5.88
N GLU A 820 -16.05 -6.71 -6.26
CA GLU A 820 -16.22 -5.26 -6.22
C GLU A 820 -16.03 -4.71 -4.81
N ILE A 821 -16.59 -5.40 -3.81
CA ILE A 821 -16.46 -5.01 -2.40
C ILE A 821 -15.00 -5.11 -1.96
N LEU A 822 -14.29 -6.10 -2.45
CA LEU A 822 -12.86 -6.23 -2.17
C LEU A 822 -12.05 -5.05 -2.72
N THR A 823 -12.38 -4.65 -3.95
CA THR A 823 -11.80 -3.43 -4.52
C THR A 823 -12.13 -2.21 -3.67
N LEU A 824 -13.33 -2.17 -3.15
CA LEU A 824 -13.76 -1.03 -2.40
C LEU A 824 -12.99 -0.94 -1.08
N LYS A 825 -12.76 -2.11 -0.46
CA LYS A 825 -12.06 -2.20 0.82
C LYS A 825 -10.59 -1.80 0.69
N THR A 826 -10.03 -1.96 -0.51
CA THR A 826 -8.65 -1.55 -0.78
C THR A 826 -8.48 -0.10 -1.28
N TYR A 827 -9.58 0.57 -1.64
CA TYR A 827 -9.54 1.99 -2.06
C TYR A 827 -8.92 2.88 -0.97
N LEU A 828 -8.10 3.82 -1.39
CA LEU A 828 -7.52 4.81 -0.49
C LEU A 828 -7.78 6.18 -1.10
N HIS A 829 -8.47 7.03 -0.34
CA HIS A 829 -8.74 8.37 -0.78
C HIS A 829 -7.49 9.17 -0.47
N THR A 830 -6.81 9.68 -1.50
N THR A 830 -6.78 9.56 -1.52
CA THR A 830 -5.46 10.26 -1.31
CA THR A 830 -5.69 10.51 -1.35
C THR A 830 -5.37 11.78 -1.13
C THR A 830 -6.24 11.82 -1.81
N TYR A 831 -6.28 12.52 -1.76
N TYR A 831 -5.78 12.87 -1.15
CA TYR A 831 -6.38 13.96 -1.54
CA TYR A 831 -6.27 14.19 -1.44
C TYR A 831 -5.39 14.82 -2.34
C TYR A 831 -5.25 14.91 -2.29
N GLU A 832 -4.62 14.17 -3.22
CA GLU A 832 -3.67 14.78 -4.14
C GLU A 832 -4.45 15.45 -5.27
N SER A 833 -3.83 16.43 -5.94
CA SER A 833 -4.44 17.05 -7.12
C SER A 833 -4.36 16.12 -8.37
N GLU A 834 -4.29 16.69 -9.56
CA GLU A 834 -4.50 15.92 -10.79
C GLU A 834 -3.30 15.88 -11.76
C1 NAG B . 1.39 -8.71 5.97
C2 NAG B . 0.66 -8.59 7.28
C3 NAG B . 1.47 -9.35 8.31
C4 NAG B . 1.78 -10.81 7.97
C5 NAG B . 2.26 -10.93 6.53
C6 NAG B . 2.24 -12.36 5.99
C7 NAG B . -0.62 -6.65 7.95
C8 NAG B . -0.58 -5.22 8.38
N2 NAG B . 0.56 -7.20 7.69
O3 NAG B . 0.80 -9.26 9.55
O4 NAG B . 2.91 -11.13 8.79
O5 NAG B . 1.46 -10.12 5.66
O6 NAG B . 0.88 -12.85 6.00
O7 NAG B . -1.69 -7.28 7.82
C1 NAG B . 2.77 -12.33 9.54
C2 NAG B . 4.18 -12.92 9.68
C3 NAG B . 4.14 -14.19 10.52
C4 NAG B . 3.38 -14.01 11.86
C5 NAG B . 2.07 -13.17 11.74
C6 NAG B . 1.64 -12.62 13.10
C7 NAG B . 5.71 -12.42 7.78
C8 NAG B . 6.24 -12.92 6.46
N2 NAG B . 4.81 -13.20 8.39
O3 NAG B . 5.50 -14.55 10.75
O4 NAG B . 3.04 -15.28 12.44
O5 NAG B . 2.21 -12.06 10.82
O6 NAG B . 2.33 -11.39 13.41
O7 NAG B . 6.11 -11.35 8.20
C1 BMA B . 3.94 -15.58 13.53
C2 BMA B . 3.19 -16.34 14.65
C3 BMA B . 4.16 -16.69 15.82
C4 BMA B . 5.52 -17.26 15.33
C5 BMA B . 6.09 -16.59 14.05
C6 BMA B . 7.18 -17.41 13.36
O2 BMA B . 2.55 -17.48 14.06
O3 BMA B . 3.58 -17.57 16.82
O4 BMA B . 6.46 -17.10 16.39
O5 BMA B . 5.08 -16.32 13.07
O6 BMA B . 7.66 -16.58 12.28
C1 MAN B . 8.65 -17.20 11.41
C2 MAN B . 9.53 -16.07 10.81
C3 MAN B . 8.91 -15.38 9.58
C4 MAN B . 8.33 -16.39 8.57
C5 MAN B . 7.44 -17.46 9.24
C6 MAN B . 6.86 -18.53 8.29
O2 MAN B . 10.85 -16.55 10.49
O3 MAN B . 9.84 -14.49 8.92
O4 MAN B . 7.59 -15.71 7.55
O5 MAN B . 8.11 -18.07 10.39
O6 MAN B . 7.76 -19.04 7.28
C1 MAN B . 10.04 -13.23 9.62
C2 MAN B . 9.97 -12.00 8.72
C3 MAN B . 11.19 -11.97 7.79
C4 MAN B . 12.54 -12.10 8.52
C5 MAN B . 12.53 -12.97 9.80
C6 MAN B . 13.45 -12.30 10.83
O2 MAN B . 10.05 -10.82 9.55
O3 MAN B . 11.23 -10.75 7.03
O4 MAN B . 13.50 -12.61 7.58
O5 MAN B . 11.24 -13.18 10.43
O6 MAN B . 13.75 -13.23 11.86
C1 MAN B . 8.79 -10.16 9.78
C2 MAN B . 9.10 -8.71 10.20
C3 MAN B . 9.52 -8.64 11.68
C4 MAN B . 8.63 -9.45 12.62
C5 MAN B . 8.43 -10.88 12.11
C6 MAN B . 7.48 -11.74 12.99
O2 MAN B . 7.96 -7.87 9.99
O3 MAN B . 9.55 -7.28 12.11
O4 MAN B . 9.26 -9.44 13.91
O5 MAN B . 7.96 -10.84 10.74
O6 MAN B . 7.51 -13.13 12.58
C1 MAN B . 3.20 -16.94 18.09
C2 MAN B . 3.36 -17.90 19.32
C3 MAN B . 2.09 -18.67 19.78
C4 MAN B . 0.72 -18.09 19.37
C5 MAN B . 0.78 -17.28 18.06
C6 MAN B . -0.53 -16.53 17.80
O2 MAN B . 3.90 -17.20 20.46
O3 MAN B . 2.05 -18.80 21.21
O4 MAN B . -0.23 -19.18 19.28
O5 MAN B . 1.88 -16.35 18.08
O6 MAN B . -1.53 -17.43 17.28
C1 MAN B . 5.25 -17.65 20.76
C2 MAN B . 5.45 -17.87 22.26
C3 MAN B . 5.60 -16.53 23.02
C4 MAN B . 6.58 -15.56 22.32
C5 MAN B . 6.26 -15.43 20.82
C6 MAN B . 7.20 -14.50 20.03
O2 MAN B . 6.59 -18.73 22.49
O3 MAN B . 5.97 -16.75 24.40
O4 MAN B . 6.52 -14.28 22.97
O5 MAN B . 6.25 -16.75 20.22
O6 MAN B . 8.43 -15.17 19.74
C10 XW6 C . 19.62 -10.97 -3.39
C11 XW6 C . 19.30 -11.77 -2.10
C13 XW6 C . 22.44 -11.32 -5.90
C15 XW6 C . 22.30 -9.35 -7.26
C17 XW6 C . 22.23 -7.53 -8.74
C19 XW6 C . 20.57 -5.78 -8.70
C20 XW6 C . 19.20 -6.23 -9.33
C23 XW6 C . 18.33 -3.86 -9.03
C24 XW6 C . 16.92 -5.68 -10.08
C25 XW6 C . 16.02 -6.45 -9.16
C26 XW6 C . 15.17 -7.44 -9.72
C27 XW6 C . 14.24 -8.08 -8.89
C28 XW6 C . 14.18 -7.73 -7.54
N1 XW6 C . 17.82 -15.02 -3.30
C2 XW6 C . 18.00 -13.87 -2.58
S3 XW6 C . 16.54 -13.23 -1.77
C4 XW6 C . 15.70 -14.59 -2.44
C5 XW6 C . 16.48 -15.42 -3.20
N6 XW6 C . 19.23 -13.23 -2.42
C7 XW6 C . 20.44 -13.80 -3.08
C8 XW6 C . 20.54 -13.07 -4.42
N9 XW6 C . 20.80 -11.62 -4.04
C12 XW6 C . 21.36 -10.85 -5.12
C14 XW6 C . 22.89 -10.58 -6.96
N16 XW6 C . 22.79 -8.65 -8.38
N18 XW6 C . 21.15 -6.97 -8.06
O21 XW6 C . 19.01 -7.41 -9.69
N22 XW6 C . 18.18 -5.27 -9.47
C29 XW6 C . 15.04 -6.76 -7.00
C30 XW6 C . 15.98 -6.13 -7.79
CL31 XW6 C . 14.93 -6.31 -5.32
CL32 XW6 C . 13.03 -8.50 -6.57
C33 XW6 C . 20.60 -7.60 -6.87
O34 XW6 C . 19.68 -7.10 -6.25
C35 XW6 C . 21.23 -8.86 -6.48
C36 XW6 C . 20.76 -9.59 -5.40
CL CL D . 16.51 4.38 2.32
C ACT E . 4.64 15.34 0.85
O ACT E . 3.40 15.24 0.83
OXT ACT E . 5.25 16.22 0.18
CH3 ACT E . 5.42 14.36 1.70
ZN ZN F . 16.65 5.93 -8.09
NA NA G . 0.92 22.00 17.58
CA CA H . -1.30 -4.99 17.40
NA NA I . -10.19 13.48 33.33
#